data_1OIM
#
_entry.id   1OIM
#
_cell.length_a   94.688
_cell.length_b   94.473
_cell.length_c   113.824
_cell.angle_alpha   90.00
_cell.angle_beta   90.00
_cell.angle_gamma   90.00
#
_symmetry.space_group_name_H-M   'P 21 21 21'
#
loop_
_entity.id
_entity.type
_entity.pdbx_description
1 polymer 'BETA-GLUCOSIDASE A'
2 non-polymer 1-DEOXYNOJIRIMYCIN
3 water water
#
_entity_poly.entity_id   1
_entity_poly.type   'polypeptide(L)'
_entity_poly.pdbx_seq_one_letter_code
;MGSSHHHHHHSSGLVPRGSHMASNVKKFPEGFLWGVATASYQIEGSPLADGAGMSIWHTFSHTPGNVKNGDTGDVACDHY
NRWKEDIEIIEKLGVKAYRFSISWPRILPEGTGRVNQKGLDFYNRIIDTLLEKGITPFVTIYHWDLPFALQLKGGWANRE
IADWFAEYSRVLFENFGDRVKNWITLNEPWVVAIVGHLYGVHAPGMRDIYVAFRAVHNLLRAHARAVKVFRETVKDGKIG
IVFNNGYFEPASEKEEDIRAVRFMHQFNNYPLFLNPIYRGDYPELVLEFAREYLPENYKDDMSEIQEKIDFVGLNYYSGH
LVKFDPDAPAKVSFVERDLPKTAMGWEIVPEGIYWILKKVKEEYNPPEVYITENGAAFDDVVSEDGRVHDQNRIDYLKAH
IGQAWKAIQEGVPLKGYFVWSLLDNFEWAEGYSKRFGIVYVDYSTQKRIVKDSGYWYSNVVKNNGLED
;
_entity_poly.pdbx_strand_id   A,B
#
loop_
_chem_comp.id
_chem_comp.type
_chem_comp.name
_chem_comp.formula
NOJ non-polymer 1-DEOXYNOJIRIMYCIN 'C6 H13 N O4'
#
# COMPACT_ATOMS: atom_id res chain seq x y z
N VAL A 25 22.64 34.13 -2.62
CA VAL A 25 21.39 34.64 -3.30
C VAL A 25 21.31 34.14 -4.74
N LYS A 26 20.10 33.78 -5.16
CA LYS A 26 19.85 33.37 -6.54
C LYS A 26 18.70 34.22 -7.08
N LYS A 27 19.06 35.30 -7.77
CA LYS A 27 18.08 36.22 -8.35
C LYS A 27 17.75 35.84 -9.79
N PHE A 28 16.47 35.92 -10.14
CA PHE A 28 15.98 35.54 -11.47
C PHE A 28 15.92 36.79 -12.38
N PRO A 29 15.84 36.63 -13.71
CA PRO A 29 15.81 37.80 -14.62
C PRO A 29 14.66 38.74 -14.33
N GLU A 30 14.78 40.00 -14.71
CA GLU A 30 13.69 40.95 -14.53
C GLU A 30 12.49 40.50 -15.38
N GLY A 31 11.29 40.64 -14.81
CA GLY A 31 10.08 40.19 -15.50
C GLY A 31 9.76 38.70 -15.46
N PHE A 32 10.66 37.87 -14.91
CA PHE A 32 10.40 36.46 -14.72
C PHE A 32 9.00 36.24 -14.12
N LEU A 33 8.29 35.24 -14.63
CA LEU A 33 6.91 35.02 -14.19
C LEU A 33 6.83 33.91 -13.15
N TRP A 34 6.54 34.31 -11.91
CA TRP A 34 6.23 33.39 -10.82
C TRP A 34 4.71 33.10 -10.78
N GLY A 35 4.36 31.83 -10.90
CA GLY A 35 2.95 31.44 -10.97
C GLY A 35 2.52 30.34 -10.02
N VAL A 36 1.20 30.19 -9.92
CA VAL A 36 0.59 28.96 -9.41
C VAL A 36 -0.36 28.36 -10.47
N ALA A 37 -0.63 27.06 -10.35
CA ALA A 37 -1.41 26.31 -11.34
C ALA A 37 -2.55 25.46 -10.75
N THR A 38 -3.70 25.42 -11.45
CA THR A 38 -4.79 24.48 -11.17
C THR A 38 -5.35 23.85 -12.46
N ALA A 39 -6.40 23.04 -12.34
CA ALA A 39 -7.17 22.52 -13.49
C ALA A 39 -8.64 22.46 -13.09
N SER A 40 -9.50 22.75 -14.07
CA SER A 40 -10.96 22.87 -13.92
C SER A 40 -11.60 21.72 -13.10
N TYR A 41 -11.40 20.48 -13.53
CA TYR A 41 -12.11 19.36 -12.90
C TYR A 41 -11.55 19.09 -11.47
N GLN A 42 -10.29 19.43 -11.26
CA GLN A 42 -9.68 19.20 -9.95
C GLN A 42 -10.14 20.15 -8.80
N ILE A 43 -10.64 21.33 -9.14
CA ILE A 43 -10.97 22.34 -8.12
C ILE A 43 -12.42 22.85 -8.12
N GLU A 44 -13.07 22.82 -9.28
CA GLU A 44 -14.31 23.56 -9.47
C GLU A 44 -15.52 23.00 -8.70
N GLY A 45 -15.70 21.66 -8.75
CA GLY A 45 -16.97 21.06 -8.38
C GLY A 45 -18.10 21.59 -9.27
N SER A 46 -19.36 21.28 -8.92
CA SER A 46 -20.51 21.70 -9.69
C SER A 46 -20.40 21.37 -11.22
N PRO A 47 -20.05 20.12 -11.55
CA PRO A 47 -19.76 19.79 -12.96
C PRO A 47 -20.98 19.87 -13.88
N LEU A 48 -22.17 19.86 -13.32
CA LEU A 48 -23.40 19.87 -14.13
C LEU A 48 -24.21 21.16 -13.95
N ALA A 49 -23.61 22.15 -13.27
CA ALA A 49 -24.29 23.44 -13.01
C ALA A 49 -24.39 24.27 -14.28
N ASP A 50 -25.44 25.09 -14.35
CA ASP A 50 -25.62 26.10 -15.41
C ASP A 50 -25.54 25.58 -16.85
N GLY A 51 -26.08 24.39 -17.08
CA GLY A 51 -26.19 23.89 -18.44
C GLY A 51 -24.95 23.17 -18.96
N ALA A 52 -23.95 22.97 -18.11
CA ALA A 52 -22.76 22.21 -18.53
C ALA A 52 -23.09 20.78 -18.95
N GLY A 53 -22.42 20.29 -20.00
CA GLY A 53 -22.51 18.88 -20.35
C GLY A 53 -21.65 18.05 -19.41
N MET A 54 -21.91 16.75 -19.30
CA MET A 54 -21.02 15.84 -18.59
C MET A 54 -19.63 15.77 -19.29
N SER A 55 -18.57 15.56 -18.52
CA SER A 55 -17.25 15.23 -19.05
C SER A 55 -16.95 13.74 -18.84
N ILE A 56 -15.86 13.26 -19.45
CA ILE A 56 -15.39 11.90 -19.23
C ILE A 56 -14.87 11.64 -17.84
N TRP A 57 -14.46 12.69 -17.13
CA TRP A 57 -14.02 12.51 -15.73
C TRP A 57 -15.19 12.39 -14.75
N HIS A 58 -16.29 13.08 -15.05
CA HIS A 58 -17.57 12.87 -14.34
C HIS A 58 -17.99 11.38 -14.45
N THR A 59 -18.08 10.86 -15.67
CA THR A 59 -18.57 9.47 -15.82
C THR A 59 -17.55 8.44 -15.34
N PHE A 60 -16.26 8.74 -15.55
CA PHE A 60 -15.18 7.86 -15.05
C PHE A 60 -15.18 7.78 -13.52
N SER A 61 -15.24 8.93 -12.86
CA SER A 61 -15.21 8.93 -11.41
C SER A 61 -16.53 8.43 -10.82
N HIS A 62 -17.64 8.55 -11.56
CA HIS A 62 -18.88 7.93 -11.09
C HIS A 62 -19.03 6.43 -11.36
N THR A 63 -17.99 5.82 -11.90
CA THR A 63 -17.98 4.39 -12.12
C THR A 63 -17.23 3.75 -10.95
N PRO A 64 -17.88 2.83 -10.24
CA PRO A 64 -17.27 2.17 -9.07
C PRO A 64 -15.95 1.52 -9.41
N GLY A 65 -14.94 1.71 -8.56
CA GLY A 65 -13.65 1.06 -8.76
C GLY A 65 -12.58 1.89 -9.44
N ASN A 66 -12.94 3.00 -10.10
CA ASN A 66 -11.97 3.76 -10.88
C ASN A 66 -11.11 4.75 -10.06
N VAL A 67 -11.70 5.30 -9.01
CA VAL A 67 -11.05 6.31 -8.18
C VAL A 67 -11.03 5.88 -6.71
N LYS A 68 -9.89 6.09 -6.05
CA LYS A 68 -9.75 5.86 -4.62
C LYS A 68 -10.90 6.43 -3.77
N ASN A 69 -11.43 5.60 -2.87
CA ASN A 69 -12.54 5.91 -1.96
C ASN A 69 -13.82 6.34 -2.67
N GLY A 70 -13.89 6.04 -3.97
CA GLY A 70 -15.03 6.51 -4.74
C GLY A 70 -15.15 8.02 -4.78
N ASP A 71 -14.04 8.73 -4.66
CA ASP A 71 -14.07 10.18 -4.78
C ASP A 71 -14.46 10.62 -6.20
N THR A 72 -15.16 11.75 -6.29
CA THR A 72 -15.41 12.38 -7.59
C THR A 72 -15.13 13.88 -7.52
N GLY A 73 -15.30 14.55 -8.65
CA GLY A 73 -15.20 15.99 -8.72
C GLY A 73 -16.51 16.75 -8.50
N ASP A 74 -17.52 16.11 -7.94
CA ASP A 74 -18.83 16.74 -7.72
C ASP A 74 -18.73 18.05 -6.92
N VAL A 75 -17.88 18.03 -5.88
CA VAL A 75 -17.71 19.22 -5.02
C VAL A 75 -16.30 19.77 -5.12
N ALA A 76 -15.30 18.91 -4.93
CA ALA A 76 -13.89 19.29 -5.01
C ALA A 76 -13.59 20.45 -4.03
N CYS A 77 -13.01 21.54 -4.51
CA CYS A 77 -12.74 22.73 -3.69
C CYS A 77 -13.88 23.76 -3.75
N ASP A 78 -14.99 23.40 -4.41
CA ASP A 78 -16.08 24.32 -4.65
C ASP A 78 -15.64 25.69 -5.24
N HIS A 79 -14.59 25.65 -6.06
CA HIS A 79 -14.04 26.84 -6.72
C HIS A 79 -15.08 27.48 -7.64
N TYR A 80 -16.03 26.67 -8.10
CA TYR A 80 -17.12 27.18 -8.92
C TYR A 80 -17.91 28.31 -8.21
N ASN A 81 -17.99 28.21 -6.88
CA ASN A 81 -18.57 29.26 -6.04
C ASN A 81 -17.57 30.16 -5.31
N ARG A 82 -16.41 29.63 -4.99
CA ARG A 82 -15.43 30.37 -4.16
C ARG A 82 -14.26 30.99 -4.95
N TRP A 83 -14.44 31.07 -6.29
CA TRP A 83 -13.40 31.53 -7.21
C TRP A 83 -12.78 32.90 -6.82
N LYS A 84 -13.61 33.84 -6.41
CA LYS A 84 -13.17 35.20 -6.03
C LYS A 84 -12.21 35.18 -4.83
N GLU A 85 -12.60 34.43 -3.79
CA GLU A 85 -11.77 34.23 -2.61
C GLU A 85 -10.42 33.58 -2.95
N ASP A 86 -10.41 32.61 -3.86
CA ASP A 86 -9.16 31.93 -4.24
C ASP A 86 -8.20 32.87 -4.97
N ILE A 87 -8.76 33.75 -5.79
CA ILE A 87 -7.95 34.70 -6.54
C ILE A 87 -7.36 35.75 -5.59
N GLU A 88 -8.19 36.28 -4.69
CA GLU A 88 -7.74 37.12 -3.57
C GLU A 88 -6.56 36.51 -2.80
N ILE A 89 -6.56 35.19 -2.61
CA ILE A 89 -5.38 34.52 -2.04
C ILE A 89 -4.13 34.65 -2.90
N ILE A 90 -4.28 34.46 -4.22
CA ILE A 90 -3.19 34.64 -5.19
C ILE A 90 -2.71 36.10 -5.11
N GLU A 91 -3.64 37.05 -5.09
CA GLU A 91 -3.30 38.47 -4.93
C GLU A 91 -2.53 38.72 -3.62
N LYS A 92 -3.14 38.38 -2.48
CA LYS A 92 -2.52 38.49 -1.15
C LYS A 92 -1.11 37.85 -1.12
N LEU A 93 -0.90 36.76 -1.86
CA LEU A 93 0.39 36.09 -1.87
C LEU A 93 1.41 36.78 -2.80
N GLY A 94 0.94 37.73 -3.60
CA GLY A 94 1.78 38.44 -4.55
C GLY A 94 2.20 37.64 -5.79
N VAL A 95 1.59 36.48 -6.01
CA VAL A 95 1.90 35.65 -7.15
C VAL A 95 1.50 36.39 -8.44
N LYS A 96 2.36 36.35 -9.45
CA LYS A 96 2.21 37.20 -10.63
C LYS A 96 1.43 36.57 -11.80
N ALA A 97 1.32 35.24 -11.79
CA ALA A 97 0.66 34.52 -12.88
C ALA A 97 -0.20 33.38 -12.33
N TYR A 98 -1.34 33.14 -12.99
CA TYR A 98 -2.22 32.03 -12.63
C TYR A 98 -2.47 31.18 -13.87
N ARG A 99 -2.06 29.93 -13.80
CA ARG A 99 -2.35 28.95 -14.83
C ARG A 99 -3.59 28.16 -14.40
N PHE A 100 -4.64 28.24 -15.20
CA PHE A 100 -5.85 27.49 -14.92
C PHE A 100 -6.41 26.90 -16.22
N SER A 101 -7.34 25.96 -16.11
CA SER A 101 -7.90 25.38 -17.32
C SER A 101 -9.37 25.69 -17.51
N ILE A 102 -9.83 25.53 -18.74
CA ILE A 102 -11.21 25.71 -19.07
C ILE A 102 -11.87 24.36 -19.35
N SER A 103 -13.03 24.16 -18.72
CA SER A 103 -13.81 22.94 -18.92
C SER A 103 -14.54 22.99 -20.28
N TRP A 104 -14.03 22.23 -21.24
CA TRP A 104 -14.66 22.15 -22.57
C TRP A 104 -16.22 21.97 -22.51
N PRO A 105 -16.73 20.99 -21.76
CA PRO A 105 -18.20 20.80 -21.69
C PRO A 105 -18.97 21.92 -20.96
N ARG A 106 -18.35 22.79 -20.14
CA ARG A 106 -19.05 24.03 -19.70
C ARG A 106 -19.33 24.99 -20.88
N ILE A 107 -18.48 24.94 -21.90
CA ILE A 107 -18.51 25.91 -22.99
C ILE A 107 -19.35 25.41 -24.16
N LEU A 108 -19.10 24.16 -24.57
CA LEU A 108 -19.89 23.47 -25.56
C LEU A 108 -20.37 22.15 -24.93
N PRO A 109 -21.58 22.14 -24.34
CA PRO A 109 -22.10 20.94 -23.65
C PRO A 109 -22.09 19.63 -24.45
N GLU A 110 -22.32 19.71 -25.76
CA GLU A 110 -22.22 18.54 -26.64
C GLU A 110 -20.86 18.46 -27.34
N GLY A 111 -19.91 19.27 -26.91
CA GLY A 111 -18.58 19.21 -27.49
C GLY A 111 -18.39 20.10 -28.71
N THR A 112 -19.35 20.06 -29.63
CA THR A 112 -19.40 21.02 -30.76
C THR A 112 -20.81 21.57 -30.90
N GLY A 113 -20.97 22.57 -31.76
CA GLY A 113 -22.26 23.23 -31.97
C GLY A 113 -22.57 24.31 -30.93
N ARG A 114 -23.56 24.02 -30.09
CA ARG A 114 -24.12 25.00 -29.15
C ARG A 114 -23.11 25.52 -28.15
N VAL A 115 -23.07 26.84 -27.97
CA VAL A 115 -22.23 27.49 -26.95
C VAL A 115 -23.09 27.91 -25.72
N ASN A 116 -22.61 27.55 -24.53
CA ASN A 116 -23.31 27.83 -23.28
C ASN A 116 -22.80 29.16 -22.69
N GLN A 117 -23.60 30.22 -22.86
CA GLN A 117 -23.23 31.55 -22.37
C GLN A 117 -22.84 31.58 -20.87
N LYS A 118 -23.51 30.77 -20.04
CA LYS A 118 -23.18 30.73 -18.63
C LYS A 118 -21.79 30.17 -18.35
N GLY A 119 -21.31 29.25 -19.20
CA GLY A 119 -19.97 28.74 -19.08
C GLY A 119 -18.93 29.81 -19.40
N LEU A 120 -19.17 30.54 -20.47
CA LEU A 120 -18.34 31.69 -20.81
C LEU A 120 -18.36 32.75 -19.68
N ASP A 121 -19.54 33.06 -19.12
CA ASP A 121 -19.65 34.03 -18.03
C ASP A 121 -18.71 33.65 -16.86
N PHE A 122 -18.71 32.38 -16.47
CA PHE A 122 -17.87 31.92 -15.36
C PHE A 122 -16.37 32.20 -15.55
N TYR A 123 -15.82 31.89 -16.72
CA TYR A 123 -14.42 32.18 -17.01
C TYR A 123 -14.15 33.69 -17.27
N ASN A 124 -15.08 34.37 -17.93
CA ASN A 124 -15.04 35.84 -18.06
C ASN A 124 -14.84 36.56 -16.71
N ARG A 125 -15.62 36.19 -15.69
CA ARG A 125 -15.46 36.78 -14.36
C ARG A 125 -14.06 36.50 -13.77
N ILE A 126 -13.55 35.28 -13.94
CA ILE A 126 -12.23 34.95 -13.45
C ILE A 126 -11.14 35.75 -14.20
N ILE A 127 -11.31 35.87 -15.51
CA ILE A 127 -10.34 36.57 -16.35
C ILE A 127 -10.26 38.08 -15.97
N ASP A 128 -11.43 38.73 -15.91
CA ASP A 128 -11.50 40.15 -15.55
C ASP A 128 -10.93 40.45 -14.16
N THR A 129 -11.22 39.58 -13.19
CA THR A 129 -10.73 39.72 -11.82
C THR A 129 -9.21 39.64 -11.77
N LEU A 130 -8.64 38.68 -12.50
CA LEU A 130 -7.21 38.50 -12.54
C LEU A 130 -6.50 39.76 -13.10
N LEU A 131 -7.05 40.32 -14.18
CA LEU A 131 -6.47 41.49 -14.81
C LEU A 131 -6.59 42.74 -13.91
N GLU A 132 -7.71 42.88 -13.23
CA GLU A 132 -7.90 43.93 -12.21
C GLU A 132 -6.82 43.90 -11.17
N LYS A 133 -6.46 42.70 -10.72
CA LYS A 133 -5.49 42.57 -9.66
C LYS A 133 -4.07 42.39 -10.21
N GLY A 134 -3.91 42.61 -11.51
CA GLY A 134 -2.61 42.50 -12.16
C GLY A 134 -1.96 41.11 -12.14
N ILE A 135 -2.77 40.05 -12.14
CA ILE A 135 -2.28 38.68 -12.34
C ILE A 135 -2.42 38.30 -13.83
N THR A 136 -1.38 37.71 -14.39
CA THR A 136 -1.37 37.26 -15.78
C THR A 136 -2.03 35.88 -15.94
N PRO A 137 -3.14 35.81 -16.69
CA PRO A 137 -3.77 34.50 -16.94
C PRO A 137 -3.01 33.69 -17.98
N PHE A 138 -2.68 32.45 -17.62
CA PHE A 138 -2.23 31.41 -18.55
C PHE A 138 -3.33 30.32 -18.63
N VAL A 139 -3.99 30.24 -19.77
CA VAL A 139 -5.15 29.36 -19.93
C VAL A 139 -4.75 28.04 -20.62
N THR A 140 -4.96 26.94 -19.91
CA THR A 140 -4.87 25.61 -20.50
C THR A 140 -6.20 25.28 -21.18
N ILE A 141 -6.20 25.11 -22.50
CA ILE A 141 -7.44 24.84 -23.23
C ILE A 141 -8.01 23.43 -22.87
N TYR A 142 -7.11 22.47 -22.76
CA TYR A 142 -7.48 21.08 -22.48
C TYR A 142 -6.67 20.46 -21.38
N HIS A 143 -7.32 20.27 -20.25
CA HIS A 143 -6.69 19.61 -19.12
C HIS A 143 -7.53 18.40 -18.70
N TRP A 144 -7.90 17.56 -19.68
CA TRP A 144 -8.36 16.17 -19.47
C TRP A 144 -9.89 15.95 -19.38
N ASP A 145 -10.68 17.01 -19.20
CA ASP A 145 -12.16 16.88 -19.10
C ASP A 145 -12.86 17.03 -20.44
N LEU A 146 -12.58 16.08 -21.34
CA LEU A 146 -13.26 15.98 -22.63
C LEU A 146 -14.77 15.88 -22.42
N PRO A 147 -15.57 16.54 -23.26
CA PRO A 147 -17.02 16.35 -23.22
C PRO A 147 -17.34 14.85 -23.44
N PHE A 148 -18.15 14.31 -22.55
CA PHE A 148 -18.65 12.95 -22.69
C PHE A 148 -19.26 12.70 -24.08
N ALA A 149 -19.99 13.68 -24.64
CA ALA A 149 -20.64 13.50 -25.94
C ALA A 149 -19.61 13.19 -27.03
N LEU A 150 -18.41 13.73 -26.91
CA LEU A 150 -17.39 13.42 -27.88
C LEU A 150 -16.76 12.04 -27.65
N GLN A 151 -16.64 11.63 -26.40
CA GLN A 151 -16.17 10.28 -26.13
C GLN A 151 -17.06 9.21 -26.76
N LEU A 152 -18.37 9.46 -26.83
CA LEU A 152 -19.33 8.54 -27.50
C LEU A 152 -19.02 8.38 -28.98
N LYS A 153 -18.33 9.39 -29.53
CA LYS A 153 -17.90 9.37 -30.93
C LYS A 153 -16.42 9.03 -31.05
N GLY A 154 -15.86 8.50 -29.97
CA GLY A 154 -14.51 7.94 -30.00
C GLY A 154 -13.45 8.82 -29.35
N GLY A 155 -13.79 10.08 -29.02
CA GLY A 155 -12.87 11.01 -28.36
C GLY A 155 -11.57 11.14 -29.13
N TRP A 156 -10.44 11.03 -28.43
CA TRP A 156 -9.10 11.21 -29.03
C TRP A 156 -8.73 10.16 -30.08
N ALA A 157 -9.50 9.07 -30.15
CA ALA A 157 -9.27 8.00 -31.10
C ALA A 157 -9.77 8.36 -32.51
N ASN A 158 -10.68 9.33 -32.58
CA ASN A 158 -11.35 9.75 -33.80
C ASN A 158 -10.60 10.95 -34.47
N ARG A 159 -10.15 10.75 -35.72
CA ARG A 159 -9.43 11.77 -36.48
C ARG A 159 -10.15 13.11 -36.49
N GLU A 160 -11.47 13.03 -36.47
CA GLU A 160 -12.33 14.20 -36.41
C GLU A 160 -12.16 15.10 -35.18
N ILE A 161 -11.52 14.59 -34.13
CA ILE A 161 -11.22 15.47 -33.00
C ILE A 161 -10.36 16.71 -33.36
N ALA A 162 -9.54 16.58 -34.40
CA ALA A 162 -8.79 17.76 -34.90
C ALA A 162 -9.74 18.90 -35.29
N ASP A 163 -10.88 18.57 -35.92
CA ASP A 163 -11.93 19.56 -36.19
C ASP A 163 -12.63 20.03 -34.92
N TRP A 164 -13.11 19.09 -34.11
CA TRP A 164 -13.84 19.45 -32.87
C TRP A 164 -12.98 20.39 -31.98
N PHE A 165 -11.70 20.04 -31.82
CA PHE A 165 -10.78 20.81 -30.99
C PHE A 165 -10.54 22.21 -31.57
N ALA A 166 -10.44 22.29 -32.89
CA ALA A 166 -10.28 23.55 -33.60
C ALA A 166 -11.47 24.47 -33.33
N GLU A 167 -12.68 23.92 -33.43
CA GLU A 167 -13.90 24.70 -33.21
C GLU A 167 -13.99 25.21 -31.76
N TYR A 168 -13.61 24.36 -30.82
CA TYR A 168 -13.59 24.70 -29.40
C TYR A 168 -12.56 25.82 -29.19
N SER A 169 -11.33 25.57 -29.64
CA SER A 169 -10.27 26.61 -29.54
C SER A 169 -10.73 27.98 -30.08
N ARG A 170 -11.31 27.99 -31.28
CA ARG A 170 -11.84 29.19 -31.92
C ARG A 170 -12.82 29.97 -31.03
N VAL A 171 -13.72 29.23 -30.36
CA VAL A 171 -14.68 29.86 -29.48
C VAL A 171 -13.94 30.59 -28.37
N LEU A 172 -12.94 29.92 -27.81
CA LEU A 172 -12.18 30.48 -26.67
C LEU A 172 -11.41 31.74 -27.09
N PHE A 173 -10.68 31.61 -28.20
CA PHE A 173 -9.93 32.71 -28.81
C PHE A 173 -10.82 33.94 -29.06
N GLU A 174 -11.99 33.74 -29.64
CA GLU A 174 -12.90 34.85 -29.95
C GLU A 174 -13.50 35.53 -28.73
N ASN A 175 -13.80 34.74 -27.71
CA ASN A 175 -14.40 35.28 -26.52
C ASN A 175 -13.40 35.85 -25.52
N PHE A 176 -12.22 35.25 -25.42
CA PHE A 176 -11.28 35.60 -24.36
C PHE A 176 -9.96 36.22 -24.86
N GLY A 177 -9.66 36.10 -26.15
CA GLY A 177 -8.36 36.40 -26.69
C GLY A 177 -8.02 37.89 -26.72
N ASP A 178 -9.02 38.73 -26.54
CA ASP A 178 -8.83 40.17 -26.33
C ASP A 178 -8.09 40.46 -25.01
N ARG A 179 -8.25 39.59 -24.02
CA ARG A 179 -7.66 39.78 -22.67
C ARG A 179 -6.60 38.74 -22.32
N VAL A 180 -6.83 37.48 -22.70
CA VAL A 180 -5.86 36.43 -22.47
C VAL A 180 -4.87 36.35 -23.62
N LYS A 181 -3.59 36.38 -23.31
CA LYS A 181 -2.57 36.41 -24.38
C LYS A 181 -1.59 35.25 -24.30
N ASN A 182 -1.69 34.45 -23.26
CA ASN A 182 -0.85 33.28 -23.11
C ASN A 182 -1.69 32.01 -23.00
N TRP A 183 -1.52 31.12 -23.97
CA TRP A 183 -2.41 30.00 -24.19
C TRP A 183 -1.63 28.68 -24.25
N ILE A 184 -2.21 27.63 -23.69
CA ILE A 184 -1.65 26.27 -23.77
C ILE A 184 -2.71 25.37 -24.41
N THR A 185 -2.38 24.71 -25.54
CA THR A 185 -3.32 23.81 -26.19
C THR A 185 -3.68 22.61 -25.30
N LEU A 186 -2.67 21.81 -25.00
CA LEU A 186 -2.83 20.51 -24.32
C LEU A 186 -1.94 20.42 -23.11
N ASN A 187 -2.52 19.90 -22.02
CA ASN A 187 -1.77 19.48 -20.84
C ASN A 187 -1.40 18.01 -20.91
N GLU A 188 -0.09 17.70 -20.89
CA GLU A 188 0.40 16.32 -20.80
C GLU A 188 -0.29 15.31 -21.74
N PRO A 189 -0.17 15.51 -23.06
CA PRO A 189 -0.80 14.60 -24.01
C PRO A 189 -0.29 13.16 -23.91
N TRP A 190 0.93 12.91 -23.42
CA TRP A 190 1.35 11.52 -23.20
C TRP A 190 0.43 10.83 -22.19
N VAL A 191 0.12 11.53 -21.10
CA VAL A 191 -0.79 11.01 -20.08
C VAL A 191 -2.19 10.73 -20.67
N VAL A 192 -2.73 11.74 -21.34
CA VAL A 192 -3.99 11.65 -22.03
C VAL A 192 -4.08 10.40 -22.89
N ALA A 193 -3.09 10.18 -23.75
CA ALA A 193 -3.04 9.02 -24.63
C ALA A 193 -2.79 7.72 -23.87
N ILE A 194 -1.66 7.63 -23.19
CA ILE A 194 -1.19 6.35 -22.64
C ILE A 194 -1.89 5.97 -21.36
N VAL A 195 -2.03 6.90 -20.42
CA VAL A 195 -2.65 6.54 -19.14
C VAL A 195 -4.18 6.43 -19.33
N GLY A 196 -4.75 7.20 -20.27
CA GLY A 196 -6.18 7.16 -20.56
C GLY A 196 -6.61 5.99 -21.44
N HIS A 197 -5.77 5.58 -22.39
CA HIS A 197 -6.15 4.58 -23.40
C HIS A 197 -5.28 3.30 -23.48
N LEU A 198 -4.12 3.26 -22.81
CA LEU A 198 -3.31 2.05 -22.72
C LEU A 198 -3.36 1.44 -21.32
N TYR A 199 -3.17 2.28 -20.29
CA TYR A 199 -3.14 1.77 -18.91
C TYR A 199 -4.53 1.68 -18.32
N GLY A 200 -5.42 2.54 -18.80
CA GLY A 200 -6.82 2.51 -18.36
C GLY A 200 -7.05 3.10 -16.96
N VAL A 201 -6.04 3.80 -16.45
CA VAL A 201 -6.10 4.35 -15.10
C VAL A 201 -6.79 5.71 -15.03
N HIS A 202 -6.83 6.41 -16.15
CA HIS A 202 -7.50 7.69 -16.25
C HIS A 202 -8.62 7.56 -17.27
N ALA A 203 -9.59 8.49 -17.24
CA ALA A 203 -10.63 8.56 -18.27
C ALA A 203 -9.99 8.59 -19.67
N PRO A 204 -10.61 7.96 -20.69
CA PRO A 204 -11.86 7.23 -20.57
C PRO A 204 -11.69 5.74 -20.13
N GLY A 205 -10.53 5.35 -19.63
CA GLY A 205 -10.37 4.05 -18.99
C GLY A 205 -10.21 2.87 -19.91
N MET A 206 -9.51 3.06 -21.01
CA MET A 206 -9.36 2.04 -22.05
C MET A 206 -7.95 1.39 -22.03
N ARG A 207 -7.85 0.19 -22.59
CA ARG A 207 -6.58 -0.58 -22.58
C ARG A 207 -6.35 -1.19 -23.96
N ASP A 208 -5.90 -0.34 -24.88
CA ASP A 208 -5.71 -0.76 -26.24
C ASP A 208 -4.55 0.06 -26.81
N ILE A 209 -3.46 -0.62 -27.15
CA ILE A 209 -2.23 0.07 -27.56
C ILE A 209 -2.35 0.77 -28.91
N TYR A 210 -3.14 0.23 -29.81
CA TYR A 210 -3.38 0.86 -31.10
C TYR A 210 -4.27 2.11 -30.95
N VAL A 211 -5.27 2.05 -30.05
CA VAL A 211 -6.07 3.26 -29.79
C VAL A 211 -5.16 4.34 -29.16
N ALA A 212 -4.33 3.93 -28.19
CA ALA A 212 -3.47 4.87 -27.47
C ALA A 212 -2.49 5.59 -28.41
N PHE A 213 -1.97 4.93 -29.45
CA PHE A 213 -1.10 5.65 -30.38
C PHE A 213 -1.87 6.43 -31.43
N ARG A 214 -3.10 6.04 -31.71
CA ARG A 214 -3.93 6.93 -32.52
C ARG A 214 -4.30 8.23 -31.80
N ALA A 215 -4.49 8.12 -30.49
CA ALA A 215 -4.70 9.27 -29.61
C ALA A 215 -3.46 10.20 -29.59
N VAL A 216 -2.28 9.64 -29.44
CA VAL A 216 -1.03 10.43 -29.56
C VAL A 216 -1.01 11.28 -30.83
N HIS A 217 -1.24 10.63 -31.97
CA HIS A 217 -1.24 11.27 -33.28
C HIS A 217 -2.31 12.35 -33.42
N ASN A 218 -3.54 12.01 -33.00
CA ASN A 218 -4.65 12.95 -33.07
C ASN A 218 -4.50 14.15 -32.13
N LEU A 219 -3.87 13.96 -30.99
CA LEU A 219 -3.53 15.04 -30.08
C LEU A 219 -2.60 16.05 -30.76
N LEU A 220 -1.61 15.54 -31.50
CA LEU A 220 -0.72 16.40 -32.27
C LEU A 220 -1.47 17.16 -33.34
N ARG A 221 -2.34 16.48 -34.06
CA ARG A 221 -3.06 17.16 -35.17
C ARG A 221 -4.02 18.19 -34.62
N ALA A 222 -4.69 17.86 -33.52
CA ALA A 222 -5.61 18.79 -32.86
C ALA A 222 -4.82 20.01 -32.34
N HIS A 223 -3.72 19.77 -31.64
CA HIS A 223 -2.81 20.87 -31.25
C HIS A 223 -2.43 21.79 -32.42
N ALA A 224 -1.96 21.19 -33.51
CA ALA A 224 -1.54 21.99 -34.66
C ALA A 224 -2.71 22.76 -35.27
N ARG A 225 -3.88 22.15 -35.33
CA ARG A 225 -5.06 22.90 -35.84
C ARG A 225 -5.49 24.09 -34.95
N ALA A 226 -5.38 23.91 -33.64
CA ALA A 226 -5.66 24.99 -32.70
C ALA A 226 -4.67 26.15 -32.89
N VAL A 227 -3.37 25.86 -32.96
CA VAL A 227 -2.36 26.89 -33.22
C VAL A 227 -2.65 27.69 -34.54
N LYS A 228 -2.99 26.96 -35.60
CA LYS A 228 -3.42 27.55 -36.88
C LYS A 228 -4.58 28.54 -36.74
N VAL A 229 -5.66 28.13 -36.05
CA VAL A 229 -6.76 29.06 -35.77
C VAL A 229 -6.30 30.26 -34.91
N PHE A 230 -5.42 30.01 -33.94
CA PHE A 230 -4.88 31.08 -33.08
C PHE A 230 -4.19 32.22 -33.90
N ARG A 231 -3.39 31.85 -34.91
CA ARG A 231 -2.74 32.86 -35.79
C ARG A 231 -3.75 33.75 -36.49
N GLU A 232 -4.95 33.21 -36.75
CA GLU A 232 -6.05 33.94 -37.40
C GLU A 232 -6.88 34.82 -36.48
N THR A 233 -6.87 34.55 -35.18
CA THR A 233 -7.86 35.16 -34.31
C THR A 233 -7.27 35.99 -33.18
N VAL A 234 -6.04 35.71 -32.78
CA VAL A 234 -5.38 36.41 -31.67
C VAL A 234 -4.02 36.87 -32.18
N LYS A 235 -3.98 37.96 -32.94
CA LYS A 235 -2.77 38.30 -33.68
C LYS A 235 -1.58 38.75 -32.81
N ASP A 236 -1.85 39.20 -31.58
CA ASP A 236 -0.84 39.63 -30.61
C ASP A 236 -0.61 38.68 -29.41
N GLY A 237 -0.92 37.40 -29.53
CA GLY A 237 -0.73 36.49 -28.41
C GLY A 237 0.36 35.44 -28.58
N LYS A 238 0.56 34.63 -27.55
CA LYS A 238 1.51 33.51 -27.60
C LYS A 238 0.85 32.18 -27.19
N ILE A 239 1.18 31.12 -27.93
CA ILE A 239 0.60 29.80 -27.66
C ILE A 239 1.67 28.70 -27.61
N GLY A 240 1.52 27.78 -26.66
CA GLY A 240 2.43 26.65 -26.48
C GLY A 240 1.68 25.38 -26.12
N ILE A 241 2.38 24.47 -25.48
CA ILE A 241 1.90 23.11 -25.18
C ILE A 241 2.78 22.59 -24.05
N VAL A 242 2.20 21.74 -23.20
CA VAL A 242 2.82 21.33 -21.94
C VAL A 242 3.06 19.83 -21.93
N PHE A 243 4.24 19.41 -21.48
CA PHE A 243 4.58 17.98 -21.42
C PHE A 243 5.00 17.55 -20.02
N ASN A 244 4.57 16.38 -19.59
CA ASN A 244 5.15 15.72 -18.44
C ASN A 244 6.60 15.22 -18.75
N ASN A 245 7.45 15.24 -17.74
CA ASN A 245 8.83 14.78 -17.92
C ASN A 245 9.35 14.09 -16.71
N GLY A 246 10.07 13.01 -16.94
CA GLY A 246 10.80 12.34 -15.87
C GLY A 246 12.30 12.42 -16.11
N TYR A 247 13.09 12.44 -15.05
CA TYR A 247 14.56 12.30 -15.16
C TYR A 247 14.94 10.83 -15.07
N PHE A 248 15.24 10.22 -16.19
CA PHE A 248 15.57 8.78 -16.20
C PHE A 248 17.10 8.52 -16.24
N GLU A 249 17.52 7.59 -15.37
CA GLU A 249 18.92 7.18 -15.23
C GLU A 249 19.03 5.66 -15.32
N PRO A 250 20.15 5.18 -15.87
CA PRO A 250 20.34 3.73 -16.03
C PRO A 250 20.83 3.06 -14.75
N ALA A 251 20.37 1.83 -14.52
CA ALA A 251 20.68 1.03 -13.34
C ALA A 251 22.14 0.58 -13.31
N SER A 252 22.68 0.32 -14.51
CA SER A 252 24.06 -0.12 -14.70
C SER A 252 24.69 0.65 -15.86
N GLU A 253 26.03 0.71 -15.88
CA GLU A 253 26.79 1.29 -16.99
C GLU A 253 26.67 0.47 -18.28
N LYS A 254 25.95 -0.65 -18.26
CA LYS A 254 25.80 -1.49 -19.47
C LYS A 254 25.19 -0.73 -20.65
N GLU A 256 23.03 -1.78 -22.57
CA GLU A 256 21.67 -1.57 -23.07
C GLU A 256 20.71 -1.02 -21.99
N ASP A 257 21.28 -0.73 -20.82
CA ASP A 257 20.58 0.01 -19.79
C ASP A 257 20.55 1.48 -20.19
N ILE A 258 21.61 1.94 -20.89
CA ILE A 258 21.68 3.35 -21.33
C ILE A 258 20.63 3.63 -22.39
N ARG A 259 20.30 2.60 -23.17
CA ARG A 259 19.37 2.65 -24.30
C ARG A 259 17.91 2.62 -23.85
N ALA A 260 17.67 1.93 -22.74
CA ALA A 260 16.32 1.84 -22.21
C ALA A 260 15.99 3.21 -21.63
N VAL A 261 17.01 3.93 -21.18
CA VAL A 261 16.88 5.29 -20.70
C VAL A 261 16.63 6.22 -21.88
N ARG A 262 17.30 5.95 -22.98
CA ARG A 262 17.11 6.69 -24.22
C ARG A 262 15.65 6.50 -24.74
N PHE A 263 15.14 5.28 -24.61
CA PHE A 263 13.77 5.02 -24.99
C PHE A 263 12.75 5.79 -24.10
N MET A 264 12.99 5.82 -22.80
CA MET A 264 12.05 6.41 -21.88
C MET A 264 12.00 7.89 -22.05
N HIS A 265 13.15 8.48 -22.38
CA HIS A 265 13.19 9.92 -22.59
C HIS A 265 12.41 10.20 -23.86
N GLN A 266 12.58 9.38 -24.88
CA GLN A 266 11.95 9.69 -26.17
C GLN A 266 10.45 9.47 -26.14
N PHE A 267 10.02 8.49 -25.36
CA PHE A 267 8.63 8.07 -25.28
C PHE A 267 7.83 8.86 -24.23
N ASN A 268 8.35 8.90 -23.00
CA ASN A 268 7.67 9.51 -21.85
C ASN A 268 7.90 11.04 -21.78
N ASN A 269 8.96 11.54 -22.43
CA ASN A 269 9.25 12.99 -22.29
C ASN A 269 8.88 13.79 -23.53
N TYR A 270 9.11 15.10 -23.51
CA TYR A 270 8.77 16.00 -24.62
C TYR A 270 9.13 15.58 -26.09
N PRO A 271 10.17 14.75 -26.35
CA PRO A 271 10.50 14.37 -27.72
C PRO A 271 9.39 13.66 -28.47
N LEU A 272 8.56 12.86 -27.80
CA LEU A 272 7.44 12.18 -28.47
C LEU A 272 6.60 13.15 -29.28
N PHE A 273 6.44 14.38 -28.77
CA PHE A 273 5.67 15.44 -29.42
C PHE A 273 6.52 16.52 -30.11
N LEU A 274 7.67 16.86 -29.52
CA LEU A 274 8.58 17.88 -30.08
C LEU A 274 9.44 17.41 -31.29
N ASN A 275 9.75 16.13 -31.38
CA ASN A 275 10.32 15.64 -32.65
C ASN A 275 9.37 15.82 -33.83
N PRO A 276 8.09 15.44 -33.71
CA PRO A 276 7.11 15.81 -34.73
C PRO A 276 6.98 17.31 -34.97
N ILE A 277 6.84 18.11 -33.93
CA ILE A 277 6.58 19.54 -34.11
C ILE A 277 7.76 20.29 -34.79
N TYR A 278 9.00 19.94 -34.39
CA TYR A 278 10.22 20.60 -34.84
C TYR A 278 10.91 19.90 -36.05
N ARG A 279 10.84 18.56 -36.13
CA ARG A 279 11.60 17.76 -37.12
C ARG A 279 10.72 16.94 -38.08
N GLY A 280 9.42 16.86 -37.83
CA GLY A 280 8.48 16.27 -38.77
C GLY A 280 8.38 14.76 -38.71
N ASP A 281 8.86 14.16 -37.64
CA ASP A 281 8.65 12.71 -37.46
C ASP A 281 8.71 12.36 -35.98
N TYR A 282 8.24 11.17 -35.61
CA TYR A 282 8.40 10.67 -34.24
C TYR A 282 9.85 10.32 -33.95
N PRO A 283 10.27 10.34 -32.69
CA PRO A 283 11.65 9.94 -32.37
C PRO A 283 11.93 8.48 -32.74
N GLU A 284 13.20 8.23 -33.12
CA GLU A 284 13.71 6.96 -33.61
C GLU A 284 13.28 5.75 -32.80
N LEU A 285 13.47 5.82 -31.49
CA LEU A 285 13.20 4.64 -30.67
C LEU A 285 11.69 4.39 -30.47
N VAL A 286 10.90 5.46 -30.61
CA VAL A 286 9.45 5.36 -30.56
C VAL A 286 8.97 4.64 -31.81
N LEU A 287 9.50 5.04 -32.98
CA LEU A 287 9.17 4.33 -34.21
C LEU A 287 9.57 2.84 -34.17
N GLU A 288 10.73 2.54 -33.62
CA GLU A 288 11.14 1.14 -33.56
C GLU A 288 10.16 0.31 -32.67
N PHE A 289 9.74 0.86 -31.54
CA PHE A 289 8.75 0.22 -30.65
C PHE A 289 7.28 0.27 -31.16
N ALA A 290 6.88 1.38 -31.78
CA ALA A 290 5.44 1.62 -31.94
C ALA A 290 4.89 1.80 -33.35
N ARG A 291 5.74 1.62 -34.37
CA ARG A 291 5.33 1.91 -35.74
C ARG A 291 4.10 1.09 -36.19
N GLU A 292 4.04 -0.18 -35.76
CA GLU A 292 2.88 -1.03 -36.01
C GLU A 292 1.60 -0.41 -35.43
N TYR A 293 1.71 0.37 -34.35
CA TYR A 293 0.51 0.92 -33.69
C TYR A 293 0.05 2.27 -34.20
N LEU A 294 0.89 2.97 -34.99
CA LEU A 294 0.48 4.25 -35.58
C LEU A 294 -0.34 4.05 -36.84
N PRO A 295 -1.12 5.05 -37.23
CA PRO A 295 -1.88 4.95 -38.47
C PRO A 295 -0.96 4.72 -39.68
N GLU A 296 -1.51 4.02 -40.67
CA GLU A 296 -0.79 3.71 -41.88
C GLU A 296 -0.13 4.92 -42.48
N ASN A 297 -0.81 5.96 -42.87
CA ASN A 297 -0.07 7.02 -43.53
C ASN A 297 0.15 8.22 -42.59
N TYR A 298 0.62 7.95 -41.37
CA TYR A 298 0.73 9.01 -40.34
C TYR A 298 1.64 10.16 -40.79
N LYS A 299 2.65 9.84 -41.60
CA LYS A 299 3.58 10.80 -42.15
C LYS A 299 2.91 11.88 -43.00
N ASP A 300 1.76 11.57 -43.62
CA ASP A 300 0.99 12.58 -44.36
C ASP A 300 0.54 13.79 -43.53
N ASP A 301 0.43 13.62 -42.22
CA ASP A 301 -0.03 14.70 -41.33
C ASP A 301 1.15 15.53 -40.79
N MET A 302 2.36 15.07 -41.01
CA MET A 302 3.51 15.68 -40.34
C MET A 302 3.82 17.14 -40.71
N SER A 303 3.57 17.54 -41.96
CA SER A 303 3.88 18.94 -42.26
C SER A 303 2.89 19.89 -41.57
N GLU A 304 1.63 19.48 -41.42
CA GLU A 304 0.67 20.34 -40.74
C GLU A 304 1.00 20.41 -39.23
N ILE A 305 1.50 19.30 -38.69
CA ILE A 305 1.89 19.19 -37.30
C ILE A 305 3.04 20.14 -36.93
N GLN A 306 3.85 20.48 -37.92
CA GLN A 306 4.99 21.40 -37.71
C GLN A 306 4.64 22.89 -37.54
N GLU A 307 3.37 23.22 -37.41
CA GLU A 307 2.89 24.57 -37.07
C GLU A 307 3.77 25.19 -35.97
N LYS A 308 4.29 26.40 -36.21
CA LYS A 308 5.22 27.03 -35.27
C LYS A 308 4.55 27.38 -33.93
N ILE A 309 5.19 26.96 -32.84
CA ILE A 309 4.75 27.33 -31.48
C ILE A 309 5.67 28.38 -30.87
N ASP A 310 5.13 29.15 -29.91
CA ASP A 310 5.89 30.22 -29.26
C ASP A 310 6.64 29.80 -27.99
N PHE A 311 6.15 28.76 -27.30
CA PHE A 311 6.87 28.27 -26.13
C PHE A 311 6.58 26.81 -25.84
N VAL A 312 7.47 26.20 -25.06
CA VAL A 312 7.31 24.85 -24.54
C VAL A 312 7.12 24.95 -23.03
N GLY A 313 6.09 24.30 -22.53
CA GLY A 313 5.86 24.17 -21.10
C GLY A 313 6.32 22.79 -20.68
N LEU A 314 7.12 22.71 -19.63
CA LEU A 314 7.58 21.42 -19.14
C LEU A 314 7.12 21.32 -17.69
N ASN A 315 6.43 20.23 -17.37
CA ASN A 315 6.10 19.87 -16.00
C ASN A 315 7.19 18.92 -15.53
N TYR A 316 7.52 18.97 -14.24
CA TYR A 316 8.53 18.07 -13.69
C TYR A 316 8.29 17.77 -12.21
N TYR A 317 8.40 16.49 -11.85
CA TYR A 317 8.15 16.05 -10.48
C TYR A 317 9.22 15.13 -9.91
N SER A 318 9.76 14.26 -10.75
CA SER A 318 10.38 13.04 -10.27
C SER A 318 11.48 12.44 -11.15
N GLY A 319 12.36 11.66 -10.51
CA GLY A 319 13.37 10.86 -11.22
C GLY A 319 13.19 9.36 -11.04
N HIS A 320 13.71 8.58 -11.98
CA HIS A 320 13.50 7.15 -11.97
C HIS A 320 14.76 6.46 -12.44
N LEU A 321 15.14 5.39 -11.74
CA LEU A 321 16.21 4.52 -12.22
C LEU A 321 15.58 3.43 -13.06
N VAL A 322 16.21 3.15 -14.20
CA VAL A 322 15.63 2.37 -15.28
C VAL A 322 16.60 1.27 -15.72
N LYS A 323 16.06 0.10 -16.05
CA LYS A 323 16.88 -1.02 -16.49
C LYS A 323 16.20 -1.67 -17.67
N PHE A 324 16.97 -2.21 -18.62
CA PHE A 324 16.38 -3.11 -19.61
C PHE A 324 15.91 -4.35 -18.87
N ASP A 325 14.76 -4.85 -19.33
CA ASP A 325 14.08 -6.00 -18.76
C ASP A 325 13.41 -6.73 -19.93
N PRO A 326 13.80 -7.99 -20.17
CA PRO A 326 13.33 -8.74 -21.35
C PRO A 326 11.84 -9.06 -21.29
N ASP A 327 11.27 -8.98 -20.09
CA ASP A 327 9.91 -9.48 -19.87
C ASP A 327 8.88 -8.39 -19.58
N ALA A 328 9.31 -7.13 -19.70
CA ALA A 328 8.41 -5.97 -19.51
C ALA A 328 7.77 -5.53 -20.82
N PRO A 329 6.48 -5.14 -20.73
CA PRO A 329 5.72 -4.51 -21.82
C PRO A 329 6.54 -3.71 -22.82
N ALA A 330 7.50 -2.88 -22.40
CA ALA A 330 8.27 -2.06 -23.35
C ALA A 330 9.77 -2.37 -23.35
N LYS A 331 10.14 -3.49 -22.71
CA LYS A 331 11.53 -3.89 -22.55
C LYS A 331 12.20 -3.04 -21.48
N VAL A 332 11.39 -2.51 -20.55
CA VAL A 332 11.87 -1.53 -19.56
C VAL A 332 11.16 -1.69 -18.22
N SER A 333 11.91 -1.70 -17.13
CA SER A 333 11.29 -1.61 -15.81
C SER A 333 11.97 -0.56 -14.92
N PHE A 334 11.28 -0.14 -13.87
CA PHE A 334 11.81 0.80 -12.87
C PHE A 334 12.42 0.02 -11.74
N VAL A 335 13.49 0.52 -11.14
CA VAL A 335 14.00 -0.10 -9.93
C VAL A 335 14.01 0.94 -8.80
N GLU A 336 13.39 0.57 -7.69
CA GLU A 336 13.33 1.44 -6.51
C GLU A 336 14.72 1.79 -6.00
N ARG A 337 14.88 3.04 -5.58
CA ARG A 337 16.11 3.53 -4.97
C ARG A 337 15.78 3.99 -3.56
N ASP A 338 16.77 3.93 -2.67
CA ASP A 338 16.62 4.49 -1.34
C ASP A 338 16.92 5.98 -1.41
N LEU A 339 15.91 6.75 -1.81
CA LEU A 339 15.99 8.21 -1.81
C LEU A 339 14.74 8.71 -1.09
N PRO A 340 14.76 9.94 -0.58
CA PRO A 340 13.51 10.52 -0.06
C PRO A 340 12.41 10.54 -1.14
N LYS A 341 11.20 10.18 -0.72
CA LYS A 341 10.02 10.09 -1.59
C LYS A 341 8.93 11.00 -1.05
N THR A 342 8.01 11.41 -1.93
CA THR A 342 6.84 12.18 -1.55
C THR A 342 5.76 11.18 -1.13
N ALA A 343 4.59 11.66 -0.71
CA ALA A 343 3.47 10.79 -0.37
C ALA A 343 2.97 9.99 -1.59
N MET A 344 3.37 10.39 -2.80
CA MET A 344 3.06 9.64 -4.01
C MET A 344 3.99 8.44 -4.16
N GLY A 345 5.03 8.42 -3.33
CA GLY A 345 6.11 7.46 -3.50
C GLY A 345 7.05 7.86 -4.61
N TRP A 346 7.01 9.12 -5.04
CA TRP A 346 7.87 9.62 -6.12
C TRP A 346 9.23 10.08 -5.56
N GLU A 347 10.32 9.59 -6.14
CA GLU A 347 11.67 9.95 -5.69
C GLU A 347 12.00 11.41 -6.02
N ILE A 348 12.52 12.11 -5.02
CA ILE A 348 12.86 13.53 -5.08
C ILE A 348 14.27 13.67 -5.69
N VAL A 349 14.33 14.17 -6.93
CA VAL A 349 15.61 14.30 -7.64
C VAL A 349 15.71 15.67 -8.29
N PRO A 350 16.02 16.71 -7.52
CA PRO A 350 15.94 18.09 -8.03
C PRO A 350 16.78 18.38 -9.27
N GLU A 351 17.90 17.69 -9.43
CA GLU A 351 18.76 17.91 -10.59
C GLU A 351 18.08 17.50 -11.92
N GLY A 352 17.05 16.65 -11.84
CA GLY A 352 16.19 16.38 -12.98
C GLY A 352 15.58 17.58 -13.67
N ILE A 353 15.20 18.59 -12.91
CA ILE A 353 14.63 19.78 -13.52
C ILE A 353 15.67 20.61 -14.32
N TYR A 354 16.92 20.61 -13.85
CA TYR A 354 18.07 21.18 -14.57
C TYR A 354 18.37 20.35 -15.81
N TRP A 355 18.46 19.04 -15.64
CA TRP A 355 18.75 18.16 -16.76
C TRP A 355 17.74 18.35 -17.90
N ILE A 356 16.45 18.33 -17.56
CA ILE A 356 15.42 18.44 -18.58
C ILE A 356 15.38 19.83 -19.25
N LEU A 357 15.71 20.88 -18.50
CA LEU A 357 15.78 22.21 -19.10
C LEU A 357 16.95 22.35 -20.08
N LYS A 358 18.09 21.74 -19.73
CA LYS A 358 19.29 21.78 -20.57
C LYS A 358 19.07 20.93 -21.83
N LYS A 359 18.47 19.76 -21.65
CA LYS A 359 18.25 18.82 -22.73
C LYS A 359 17.28 19.43 -23.76
N VAL A 360 16.24 20.11 -23.29
CA VAL A 360 15.29 20.69 -24.23
C VAL A 360 15.92 21.78 -25.13
N LYS A 361 16.81 22.59 -24.54
CA LYS A 361 17.60 23.56 -25.32
C LYS A 361 18.47 22.82 -26.34
N GLU A 362 19.20 21.82 -25.87
CA GLU A 362 20.10 21.03 -26.70
C GLU A 362 19.42 20.32 -27.89
N GLU A 363 18.18 19.84 -27.70
CA GLU A 363 17.59 18.98 -28.73
C GLU A 363 16.74 19.76 -29.70
N TYR A 364 16.00 20.75 -29.20
CA TYR A 364 15.03 21.48 -30.05
C TYR A 364 15.18 23.00 -29.98
N ASN A 365 15.94 23.50 -29.02
CA ASN A 365 16.14 24.96 -28.91
C ASN A 365 14.89 25.85 -29.08
N PRO A 366 13.81 25.63 -28.31
CA PRO A 366 12.62 26.48 -28.43
C PRO A 366 12.92 27.90 -27.98
N PRO A 367 12.26 28.89 -28.56
CA PRO A 367 12.54 30.30 -28.22
C PRO A 367 12.28 30.62 -26.73
N GLU A 368 11.21 30.08 -26.16
CA GLU A 368 10.87 30.28 -24.74
C GLU A 368 10.51 28.93 -24.10
N VAL A 369 10.87 28.77 -22.81
CA VAL A 369 10.44 27.63 -22.00
C VAL A 369 9.79 28.16 -20.72
N TYR A 370 8.75 27.47 -20.23
CA TYR A 370 8.20 27.67 -18.88
C TYR A 370 8.20 26.36 -18.13
N ILE A 371 8.45 26.40 -16.82
CA ILE A 371 8.10 25.26 -15.95
C ILE A 371 6.65 25.49 -15.57
N THR A 372 5.77 24.69 -16.18
CA THR A 372 4.32 24.90 -16.05
C THR A 372 3.71 24.19 -14.84
N GLU A 373 4.49 23.29 -14.22
CA GLU A 373 4.12 22.56 -13.00
C GLU A 373 5.38 22.03 -12.34
N ASN A 374 5.49 22.23 -11.02
CA ASN A 374 6.47 21.57 -10.14
C ASN A 374 5.91 21.63 -8.72
N GLY A 375 5.99 20.52 -8.00
CA GLY A 375 5.41 20.47 -6.67
C GLY A 375 5.47 19.09 -6.11
N ALA A 376 4.84 18.89 -4.96
CA ALA A 376 4.89 17.62 -4.26
C ALA A 376 3.68 17.42 -3.34
N ALA A 377 3.36 16.15 -3.12
CA ALA A 377 2.36 15.76 -2.13
C ALA A 377 3.02 15.26 -0.86
N PHE A 378 2.59 15.81 0.27
CA PHE A 378 2.98 15.30 1.61
C PHE A 378 1.74 15.23 2.52
N ASP A 379 1.84 14.43 3.60
CA ASP A 379 0.73 14.22 4.54
C ASP A 379 0.53 15.43 5.44
N ASP A 380 0.00 16.51 4.90
CA ASP A 380 -0.21 17.74 5.65
C ASP A 380 -1.27 17.59 6.73
N VAL A 381 -1.00 18.24 7.86
CA VAL A 381 -1.98 18.36 8.95
C VAL A 381 -1.95 19.77 9.53
N VAL A 382 -3.11 20.22 9.97
CA VAL A 382 -3.23 21.47 10.71
C VAL A 382 -2.81 21.21 12.15
N SER A 383 -1.74 21.87 12.58
CA SER A 383 -1.28 21.83 13.97
C SER A 383 -2.27 22.56 14.91
N GLU A 384 -2.07 22.37 16.21
CA GLU A 384 -2.86 23.03 17.24
C GLU A 384 -2.75 24.56 17.10
N ASP A 385 -1.59 25.01 16.66
CA ASP A 385 -1.35 26.43 16.41
C ASP A 385 -2.06 27.02 15.18
N GLY A 386 -2.80 26.18 14.45
CA GLY A 386 -3.67 26.62 13.36
C GLY A 386 -2.98 26.80 12.01
N ARG A 387 -1.75 26.29 11.93
CA ARG A 387 -0.84 26.44 10.80
C ARG A 387 -0.48 25.07 10.18
N VAL A 388 -0.06 25.06 8.92
CA VAL A 388 0.39 23.82 8.30
C VAL A 388 1.88 23.87 8.06
N HIS A 389 2.63 23.17 8.91
CA HIS A 389 4.08 23.24 8.90
C HIS A 389 4.68 22.26 7.90
N ASP A 390 4.60 22.59 6.61
CA ASP A 390 5.09 21.69 5.57
C ASP A 390 6.50 22.03 5.09
N GLN A 391 7.44 21.90 6.01
CA GLN A 391 8.84 22.21 5.75
C GLN A 391 9.36 21.31 4.63
N ASN A 392 8.86 20.07 4.60
CA ASN A 392 9.21 19.14 3.52
C ASN A 392 8.84 19.67 2.12
N ARG A 393 7.74 20.40 1.99
CA ARG A 393 7.37 21.01 0.71
C ARG A 393 8.30 22.17 0.34
N ILE A 394 8.66 22.97 1.35
CA ILE A 394 9.64 24.05 1.19
C ILE A 394 10.98 23.50 0.69
N ASP A 395 11.47 22.43 1.31
CA ASP A 395 12.75 21.84 0.90
C ASP A 395 12.68 21.41 -0.57
N TYR A 396 11.58 20.75 -0.92
CA TYR A 396 11.30 20.32 -2.27
C TYR A 396 11.32 21.51 -3.23
N LEU A 397 10.50 22.50 -2.97
CA LEU A 397 10.36 23.61 -3.89
C LEU A 397 11.69 24.37 -4.05
N LYS A 398 12.36 24.60 -2.92
CA LYS A 398 13.64 25.33 -2.89
C LYS A 398 14.74 24.68 -3.73
N ALA A 399 14.88 23.37 -3.58
CA ALA A 399 15.87 22.63 -4.31
C ALA A 399 15.64 22.67 -5.82
N HIS A 400 14.38 22.66 -6.24
CA HIS A 400 14.03 22.66 -7.67
C HIS A 400 14.16 24.05 -8.29
N ILE A 401 13.69 25.07 -7.57
CA ILE A 401 13.82 26.44 -8.01
C ILE A 401 15.30 26.83 -8.21
N GLY A 402 16.13 26.30 -7.30
CA GLY A 402 17.57 26.45 -7.35
C GLY A 402 18.16 25.89 -8.62
N GLN A 403 17.75 24.68 -8.98
CA GLN A 403 18.22 24.00 -10.17
C GLN A 403 17.78 24.73 -11.44
N ALA A 404 16.60 25.32 -11.41
CA ALA A 404 16.10 26.07 -12.56
C ALA A 404 16.88 27.37 -12.74
N TRP A 405 17.22 27.98 -11.61
CA TRP A 405 18.13 29.12 -11.60
C TRP A 405 19.41 28.78 -12.37
N LYS A 406 19.99 27.62 -12.06
CA LYS A 406 21.20 27.14 -12.71
C LYS A 406 21.11 27.12 -14.24
N ALA A 407 20.03 26.53 -14.76
CA ALA A 407 19.77 26.44 -16.21
C ALA A 407 19.65 27.82 -16.85
N ILE A 408 19.03 28.75 -16.15
CA ILE A 408 19.00 30.12 -16.64
C ILE A 408 20.43 30.66 -16.83
N GLN A 409 21.31 30.38 -15.87
CA GLN A 409 22.67 30.93 -15.89
C GLN A 409 23.47 30.31 -17.02
N GLU A 410 23.08 29.10 -17.44
CA GLU A 410 23.71 28.45 -18.58
C GLU A 410 22.94 28.65 -19.88
N GLY A 411 22.08 29.67 -19.92
CA GLY A 411 21.43 30.08 -21.17
C GLY A 411 20.08 29.51 -21.62
N VAL A 412 19.42 28.72 -20.78
CA VAL A 412 18.08 28.23 -21.13
C VAL A 412 17.11 29.41 -21.01
N PRO A 413 16.36 29.71 -22.08
CA PRO A 413 15.41 30.82 -22.07
C PRO A 413 14.18 30.57 -21.19
N LEU A 414 14.39 30.21 -19.92
CA LEU A 414 13.30 29.99 -18.97
C LEU A 414 12.66 31.32 -18.56
N LYS A 415 11.39 31.49 -18.91
CA LYS A 415 10.70 32.74 -18.65
C LYS A 415 9.71 32.71 -17.46
N GLY A 416 9.52 31.54 -16.86
CA GLY A 416 8.54 31.42 -15.80
C GLY A 416 8.53 30.08 -15.11
N TYR A 417 7.91 30.06 -13.94
CA TYR A 417 7.87 28.89 -13.08
C TYR A 417 6.51 28.85 -12.34
N PHE A 418 5.83 27.70 -12.36
CA PHE A 418 4.47 27.57 -11.81
C PHE A 418 4.42 26.43 -10.80
N VAL A 419 4.03 26.75 -9.57
CA VAL A 419 3.91 25.74 -8.54
C VAL A 419 2.59 24.95 -8.77
N TRP A 420 2.67 23.63 -8.86
CA TRP A 420 1.46 22.86 -8.71
C TRP A 420 1.36 22.46 -7.23
N SER A 421 0.34 22.91 -6.49
CA SER A 421 -0.81 23.66 -6.97
C SER A 421 -1.14 24.78 -6.01
N LEU A 422 -1.95 25.75 -6.46
CA LEU A 422 -2.51 26.70 -5.51
C LEU A 422 -3.19 25.94 -4.33
N LEU A 423 -4.12 25.02 -4.64
CA LEU A 423 -4.95 24.38 -3.61
C LEU A 423 -4.76 22.88 -3.58
N ASP A 424 -4.87 22.29 -2.39
CA ASP A 424 -5.17 20.86 -2.33
C ASP A 424 -6.43 20.63 -3.19
N ASN A 425 -6.47 19.53 -3.93
CA ASN A 425 -7.58 19.31 -4.86
C ASN A 425 -7.78 17.83 -5.18
N PHE A 426 -8.70 17.53 -6.11
CA PHE A 426 -8.96 16.15 -6.58
C PHE A 426 -7.78 15.64 -7.42
N GLU A 427 -6.99 14.74 -6.86
CA GLU A 427 -5.83 14.20 -7.56
C GLU A 427 -6.17 12.95 -8.39
N TRP A 428 -7.06 13.14 -9.37
CA TRP A 428 -7.41 12.14 -10.37
C TRP A 428 -7.73 10.75 -9.76
N ALA A 429 -7.10 9.67 -10.19
CA ALA A 429 -7.47 8.36 -9.62
C ALA A 429 -7.07 8.16 -8.13
N GLU A 430 -6.28 9.09 -7.58
CA GLU A 430 -5.96 9.11 -6.15
C GLU A 430 -7.00 9.84 -5.30
N GLY A 431 -7.95 10.52 -5.95
CA GLY A 431 -8.97 11.29 -5.24
C GLY A 431 -8.40 12.36 -4.31
N TYR A 432 -9.10 12.66 -3.22
CA TYR A 432 -8.67 13.73 -2.29
C TYR A 432 -7.52 13.37 -1.35
N SER A 433 -7.03 12.14 -1.44
CA SER A 433 -6.04 11.63 -0.51
C SER A 433 -4.62 12.15 -0.75
N LYS A 434 -4.39 12.87 -1.86
CA LYS A 434 -3.07 13.45 -2.13
C LYS A 434 -3.14 14.95 -2.20
N ARG A 435 -2.40 15.61 -1.32
CA ARG A 435 -2.47 17.07 -1.17
C ARG A 435 -1.21 17.74 -1.78
N PHE A 436 -1.42 18.51 -2.86
CA PHE A 436 -0.33 19.18 -3.56
C PHE A 436 -0.31 20.70 -3.30
N GLY A 437 -1.31 21.23 -2.63
CA GLY A 437 -1.46 22.68 -2.53
C GLY A 437 -0.40 23.36 -1.68
N ILE A 438 -0.19 24.65 -1.92
CA ILE A 438 0.51 25.50 -0.98
C ILE A 438 -0.51 26.19 -0.09
N VAL A 439 -1.78 25.98 -0.42
CA VAL A 439 -2.90 26.31 0.45
C VAL A 439 -3.66 25.02 0.80
N TYR A 440 -3.85 24.79 2.11
CA TYR A 440 -4.64 23.66 2.62
C TYR A 440 -6.12 23.89 2.42
N VAL A 441 -6.84 22.83 2.05
CA VAL A 441 -8.29 22.88 1.99
C VAL A 441 -8.88 21.87 2.96
N ASP A 442 -9.74 22.37 3.84
CA ASP A 442 -10.52 21.54 4.76
C ASP A 442 -11.83 21.25 4.07
N TYR A 443 -11.97 20.01 3.64
CA TYR A 443 -13.05 19.64 2.74
C TYR A 443 -14.41 19.61 3.42
N SER A 444 -14.43 19.44 4.75
CA SER A 444 -15.69 19.48 5.52
C SER A 444 -16.32 20.89 5.65
N THR A 445 -15.49 21.93 5.60
CA THR A 445 -15.95 23.33 5.69
C THR A 445 -15.67 24.18 4.44
N GLN A 446 -14.73 23.71 3.62
CA GLN A 446 -14.15 24.46 2.49
C GLN A 446 -13.22 25.60 2.93
N LYS A 447 -12.85 25.59 4.21
CA LYS A 447 -11.90 26.58 4.73
C LYS A 447 -10.52 26.40 4.08
N ARG A 448 -9.92 27.53 3.67
CA ARG A 448 -8.56 27.58 3.13
C ARG A 448 -7.58 28.04 4.23
N ILE A 449 -6.44 27.37 4.32
CA ILE A 449 -5.40 27.71 5.27
C ILE A 449 -4.09 27.73 4.51
N VAL A 450 -3.52 28.92 4.34
CA VAL A 450 -2.23 29.07 3.67
C VAL A 450 -1.17 28.25 4.42
N LYS A 451 -0.41 27.45 3.70
CA LYS A 451 0.62 26.64 4.33
C LYS A 451 1.96 27.43 4.44
N ASP A 452 2.87 26.90 5.25
CA ASP A 452 4.19 27.52 5.41
C ASP A 452 4.87 27.68 4.03
N SER A 453 4.69 26.67 3.17
CA SER A 453 5.25 26.65 1.80
C SER A 453 4.72 27.82 0.98
N GLY A 454 3.44 28.10 1.13
CA GLY A 454 2.80 29.26 0.54
C GLY A 454 3.38 30.59 0.99
N TYR A 455 3.64 30.73 2.31
CA TYR A 455 4.18 31.98 2.82
C TYR A 455 5.59 32.11 2.28
N TRP A 456 6.33 30.99 2.32
CA TRP A 456 7.69 30.90 1.79
C TRP A 456 7.80 31.28 0.31
N TYR A 457 6.87 30.80 -0.51
CA TYR A 457 6.86 31.10 -1.95
C TYR A 457 6.51 32.55 -2.19
N SER A 458 5.62 33.09 -1.37
CA SER A 458 5.25 34.50 -1.44
C SER A 458 6.49 35.41 -1.34
N ASN A 459 7.43 34.99 -0.47
CA ASN A 459 8.67 35.72 -0.23
C ASN A 459 9.61 35.55 -1.40
N VAL A 460 9.72 34.32 -1.91
CA VAL A 460 10.47 34.06 -3.15
C VAL A 460 9.99 35.00 -4.27
N VAL A 461 8.67 35.13 -4.45
CA VAL A 461 8.13 35.97 -5.54
C VAL A 461 8.45 37.45 -5.34
N LYS A 462 8.19 37.97 -4.14
CA LYS A 462 8.56 39.33 -3.76
C LYS A 462 10.05 39.66 -4.02
N ASN A 463 10.95 38.76 -3.62
CA ASN A 463 12.40 38.92 -3.83
C ASN A 463 12.88 38.56 -5.25
N ASN A 464 11.97 38.07 -6.09
CA ASN A 464 12.33 37.52 -7.40
C ASN A 464 13.46 36.48 -7.34
N GLY A 465 13.46 35.66 -6.31
CA GLY A 465 14.44 34.59 -6.21
C GLY A 465 14.70 34.07 -4.81
N LEU A 466 15.71 33.22 -4.68
CA LEU A 466 16.07 32.58 -3.41
C LEU A 466 17.13 33.39 -2.66
N GLU A 467 17.22 33.16 -1.35
CA GLU A 467 18.17 33.88 -0.50
C GLU A 467 18.56 33.08 0.75
N ASP A 468 19.04 31.85 0.58
CA ASP A 468 19.46 31.07 1.75
C ASP A 468 19.34 29.56 1.58
N SER B 23 5.11 4.95 -7.68
CA SER B 23 3.78 4.47 -7.18
C SER B 23 3.97 3.64 -5.91
N ASN B 24 3.29 4.03 -4.82
CA ASN B 24 3.44 3.35 -3.52
C ASN B 24 2.31 2.40 -3.04
N VAL B 25 1.17 2.38 -3.75
CA VAL B 25 0.11 1.40 -3.49
C VAL B 25 0.69 -0.03 -3.57
N LYS B 26 0.33 -0.87 -2.58
CA LYS B 26 0.72 -2.29 -2.59
C LYS B 26 -0.52 -3.18 -2.54
N LYS B 27 -0.92 -3.67 -3.72
CA LYS B 27 -2.12 -4.49 -3.88
C LYS B 27 -1.72 -5.97 -3.78
N PHE B 28 -2.48 -6.74 -3.02
CA PHE B 28 -2.21 -8.18 -2.90
C PHE B 28 -2.94 -8.95 -4.02
N PRO B 29 -2.56 -10.21 -4.27
CA PRO B 29 -3.25 -11.04 -5.29
C PRO B 29 -4.74 -11.15 -5.04
N GLU B 30 -5.52 -11.45 -6.09
CA GLU B 30 -6.96 -11.66 -5.94
C GLU B 30 -7.16 -12.91 -5.05
N GLY B 31 -8.15 -12.85 -4.17
CA GLY B 31 -8.46 -13.96 -3.29
C GLY B 31 -7.56 -14.11 -2.07
N PHE B 32 -6.52 -13.28 -1.94
CA PHE B 32 -5.69 -13.23 -0.71
C PHE B 32 -6.61 -13.22 0.49
N LEU B 33 -6.25 -13.98 1.51
CA LEU B 33 -7.04 -14.07 2.73
C LEU B 33 -6.55 -13.11 3.81
N TRP B 34 -7.41 -12.19 4.21
CA TRP B 34 -7.12 -11.26 5.31
C TRP B 34 -7.84 -11.77 6.53
N GLY B 35 -7.09 -12.08 7.60
CA GLY B 35 -7.71 -12.69 8.77
C GLY B 35 -7.37 -12.01 10.08
N VAL B 36 -8.13 -12.36 11.12
CA VAL B 36 -7.67 -12.18 12.51
C VAL B 36 -7.63 -13.55 13.26
N ALA B 37 -6.84 -13.64 14.32
CA ALA B 37 -6.68 -14.92 15.06
C ALA B 37 -6.87 -14.78 16.59
N THR B 38 -7.43 -15.81 17.21
CA THR B 38 -7.44 -15.95 18.68
C THR B 38 -7.10 -17.40 19.06
N ALA B 39 -7.14 -17.69 20.36
CA ALA B 39 -7.00 -19.05 20.88
C ALA B 39 -7.97 -19.25 22.04
N SER B 40 -8.53 -20.46 22.14
CA SER B 40 -9.59 -20.80 23.07
C SER B 40 -9.36 -20.36 24.52
N TYR B 41 -8.26 -20.80 25.14
CA TYR B 41 -8.04 -20.49 26.55
C TYR B 41 -7.79 -18.99 26.77
N GLN B 42 -7.27 -18.32 25.75
CA GLN B 42 -6.94 -16.91 25.85
C GLN B 42 -8.19 -16.01 25.93
N ILE B 43 -9.33 -16.45 25.37
CA ILE B 43 -10.49 -15.57 25.21
C ILE B 43 -11.78 -16.04 25.85
N GLU B 44 -11.94 -17.36 25.97
CA GLU B 44 -13.28 -17.93 26.24
C GLU B 44 -13.80 -17.75 27.66
N GLY B 45 -12.93 -17.98 28.66
CA GLY B 45 -13.33 -18.06 30.05
C GLY B 45 -14.22 -19.26 30.22
N SER B 46 -14.84 -19.40 31.38
CA SER B 46 -15.73 -20.56 31.62
C SER B 46 -15.08 -21.91 31.30
N PRO B 47 -13.89 -22.17 31.85
CA PRO B 47 -13.14 -23.38 31.47
C PRO B 47 -13.81 -24.68 31.94
N LEU B 48 -14.64 -24.63 32.97
CA LEU B 48 -15.27 -25.85 33.46
C LEU B 48 -16.77 -25.90 33.21
N ALA B 49 -17.27 -24.96 32.40
CA ALA B 49 -18.70 -24.92 32.07
C ALA B 49 -19.12 -26.11 31.21
N ASP B 50 -20.37 -26.54 31.40
CA ASP B 50 -21.03 -27.51 30.50
C ASP B 50 -20.26 -28.83 30.30
N GLY B 51 -19.66 -29.30 31.38
CA GLY B 51 -19.09 -30.65 31.40
C GLY B 51 -17.62 -30.71 30.97
N ALA B 52 -17.01 -29.56 30.75
CA ALA B 52 -15.63 -29.51 30.27
C ALA B 52 -14.63 -30.08 31.30
N GLY B 53 -13.56 -30.71 30.82
CA GLY B 53 -12.52 -31.22 31.73
C GLY B 53 -11.55 -30.10 31.97
N MET B 54 -10.80 -30.17 33.06
CA MET B 54 -9.75 -29.16 33.26
C MET B 54 -8.67 -29.28 32.19
N SER B 55 -8.04 -28.17 31.85
CA SER B 55 -6.84 -28.21 30.98
C SER B 55 -5.58 -27.99 31.80
N ILE B 56 -4.41 -28.20 31.21
CA ILE B 56 -3.12 -27.89 31.91
C ILE B 56 -2.94 -26.40 32.17
N TRP B 57 -3.59 -25.55 31.38
CA TRP B 57 -3.49 -24.09 31.61
C TRP B 57 -4.35 -23.61 32.80
N HIS B 58 -5.50 -24.25 33.00
CA HIS B 58 -6.28 -24.07 34.25
C HIS B 58 -5.42 -24.36 35.49
N THR B 59 -4.84 -25.56 35.57
CA THR B 59 -4.11 -25.94 36.78
C THR B 59 -2.83 -25.16 36.92
N PHE B 60 -2.17 -24.90 35.80
CA PHE B 60 -0.92 -24.13 35.82
C PHE B 60 -1.19 -22.67 36.24
N SER B 61 -2.22 -22.04 35.69
CA SER B 61 -2.48 -20.64 36.11
C SER B 61 -3.06 -20.59 37.55
N HIS B 62 -3.70 -21.66 38.01
CA HIS B 62 -4.17 -21.72 39.40
C HIS B 62 -3.12 -22.12 40.41
N THR B 63 -1.90 -22.31 39.92
CA THR B 63 -0.74 -22.55 40.77
C THR B 63 -0.06 -21.22 41.09
N PRO B 64 0.04 -20.87 42.36
CA PRO B 64 0.64 -19.59 42.75
C PRO B 64 2.06 -19.44 42.20
N GLY B 65 2.33 -18.28 41.61
CA GLY B 65 3.67 -17.98 41.14
C GLY B 65 3.93 -18.18 39.65
N ASN B 66 3.01 -18.87 38.96
CA ASN B 66 3.23 -19.17 37.55
C ASN B 66 2.86 -18.02 36.60
N VAL B 67 1.79 -17.28 36.92
CA VAL B 67 1.28 -16.22 36.04
C VAL B 67 1.31 -14.85 36.74
N LYS B 68 1.74 -13.83 36.00
CA LYS B 68 1.78 -12.46 36.48
C LYS B 68 0.45 -12.05 37.15
N ASN B 69 0.55 -11.42 38.33
CA ASN B 69 -0.59 -11.00 39.18
C ASN B 69 -1.61 -12.11 39.46
N GLY B 70 -1.19 -13.37 39.36
CA GLY B 70 -2.12 -14.47 39.57
C GLY B 70 -3.28 -14.55 38.58
N ASP B 71 -3.15 -13.94 37.41
CA ASP B 71 -4.25 -14.01 36.44
C ASP B 71 -4.49 -15.45 36.01
N THR B 72 -5.73 -15.73 35.62
CA THR B 72 -6.11 -17.02 35.06
C THR B 72 -7.05 -16.78 33.89
N GLY B 73 -7.41 -17.85 33.18
CA GLY B 73 -8.39 -17.77 32.11
C GLY B 73 -9.81 -18.11 32.55
N ASP B 74 -10.07 -18.02 33.86
CA ASP B 74 -11.43 -18.30 34.40
C ASP B 74 -12.51 -17.47 33.71
N VAL B 75 -12.18 -16.20 33.46
CA VAL B 75 -13.12 -15.27 32.80
C VAL B 75 -12.61 -14.79 31.45
N ALA B 76 -11.35 -14.34 31.37
CA ALA B 76 -10.79 -13.82 30.11
C ALA B 76 -11.70 -12.76 29.47
N CYS B 77 -12.09 -12.98 28.19
CA CYS B 77 -12.99 -12.06 27.49
C CYS B 77 -14.42 -12.56 27.51
N ASP B 78 -14.67 -13.61 28.32
CA ASP B 78 -16.00 -14.19 28.42
C ASP B 78 -16.62 -14.47 27.04
N HIS B 79 -15.74 -14.76 26.06
CA HIS B 79 -16.16 -15.16 24.71
C HIS B 79 -17.01 -16.42 24.69
N TYR B 80 -16.93 -17.23 25.74
CA TYR B 80 -17.85 -18.37 25.85
C TYR B 80 -19.32 -17.91 25.87
N ASN B 81 -19.55 -16.69 26.39
CA ASN B 81 -20.90 -16.08 26.36
C ASN B 81 -21.10 -15.00 25.27
N ARG B 82 -20.05 -14.28 24.92
CA ARG B 82 -20.16 -13.14 24.00
C ARG B 82 -19.70 -13.45 22.58
N TRP B 83 -19.62 -14.74 22.25
CA TRP B 83 -19.07 -15.17 20.96
C TRP B 83 -19.73 -14.46 19.75
N LYS B 84 -21.07 -14.40 19.74
CA LYS B 84 -21.85 -13.81 18.63
C LYS B 84 -21.48 -12.36 18.35
N GLU B 85 -21.45 -11.53 19.40
CA GLU B 85 -21.02 -10.14 19.26
C GLU B 85 -19.60 -10.03 18.71
N ASP B 86 -18.70 -10.88 19.19
CA ASP B 86 -17.31 -10.86 18.70
C ASP B 86 -17.22 -11.10 17.19
N ILE B 87 -18.01 -12.06 16.70
CA ILE B 87 -18.04 -12.41 15.28
C ILE B 87 -18.62 -11.23 14.49
N GLU B 88 -19.75 -10.71 14.94
CA GLU B 88 -20.32 -9.45 14.44
C GLU B 88 -19.28 -8.33 14.31
N ILE B 89 -18.35 -8.21 15.25
CA ILE B 89 -17.25 -7.26 15.10
C ILE B 89 -16.36 -7.62 13.89
N ILE B 90 -16.10 -8.91 13.69
CA ILE B 90 -15.34 -9.36 12.51
C ILE B 90 -16.16 -9.02 11.25
N GLU B 91 -17.46 -9.30 11.28
CA GLU B 91 -18.34 -8.99 10.14
C GLU B 91 -18.27 -7.48 9.82
N LYS B 92 -18.61 -6.66 10.82
CA LYS B 92 -18.55 -5.21 10.72
C LYS B 92 -17.21 -4.69 10.18
N LEU B 93 -16.12 -5.37 10.51
CA LEU B 93 -14.81 -4.89 10.09
C LEU B 93 -14.40 -5.40 8.70
N GLY B 94 -15.20 -6.30 8.14
CA GLY B 94 -14.94 -6.80 6.80
C GLY B 94 -13.85 -7.87 6.70
N VAL B 95 -13.36 -8.37 7.83
CA VAL B 95 -12.26 -9.32 7.81
C VAL B 95 -12.79 -10.62 7.18
N LYS B 96 -11.98 -11.27 6.35
CA LYS B 96 -12.51 -12.38 5.56
C LYS B 96 -12.25 -13.78 6.15
N ALA B 97 -11.35 -13.85 7.14
CA ALA B 97 -11.00 -15.13 7.77
C ALA B 97 -10.82 -14.98 9.28
N TYR B 98 -11.22 -16.01 10.00
CA TYR B 98 -11.06 -16.05 11.46
C TYR B 98 -10.31 -17.32 11.83
N ARG B 99 -9.15 -17.15 12.42
CA ARG B 99 -8.37 -18.26 12.93
C ARG B 99 -8.68 -18.39 14.41
N PHE B 100 -9.25 -19.53 14.81
CA PHE B 100 -9.57 -19.76 16.23
C PHE B 100 -9.23 -21.21 16.66
N SER B 101 -9.10 -21.46 17.97
CA SER B 101 -8.78 -22.84 18.39
C SER B 101 -9.90 -23.53 19.11
N ILE B 102 -9.87 -24.85 19.09
CA ILE B 102 -10.80 -25.66 19.83
C ILE B 102 -10.15 -26.18 21.12
N SER B 103 -10.91 -26.10 22.21
CA SER B 103 -10.43 -26.54 23.51
C SER B 103 -10.58 -28.03 23.61
N TRP B 104 -9.50 -28.79 23.45
CA TRP B 104 -9.55 -30.27 23.58
C TRP B 104 -10.45 -30.76 24.73
N PRO B 105 -10.24 -30.31 25.97
CA PRO B 105 -11.02 -30.84 27.10
C PRO B 105 -12.51 -30.39 27.17
N ARG B 106 -12.95 -29.50 26.28
CA ARG B 106 -14.37 -29.23 26.15
C ARG B 106 -15.01 -30.33 25.32
N ILE B 107 -14.21 -30.95 24.45
CA ILE B 107 -14.71 -31.95 23.53
C ILE B 107 -14.55 -33.36 24.13
N LEU B 108 -13.36 -33.64 24.65
CA LEU B 108 -13.14 -34.88 25.39
C LEU B 108 -12.60 -34.53 26.76
N PRO B 109 -13.48 -34.48 27.76
CA PRO B 109 -13.10 -34.01 29.10
C PRO B 109 -11.99 -34.84 29.73
N GLU B 110 -11.90 -36.12 29.37
CA GLU B 110 -10.85 -37.03 29.86
C GLU B 110 -9.74 -37.20 28.84
N GLY B 111 -9.79 -36.40 27.77
CA GLY B 111 -8.76 -36.47 26.75
C GLY B 111 -9.04 -37.47 25.64
N THR B 112 -9.48 -38.67 26.02
CA THR B 112 -9.95 -39.69 25.06
C THR B 112 -11.29 -40.18 25.60
N GLY B 113 -11.96 -40.99 24.79
CA GLY B 113 -13.16 -41.69 25.22
C GLY B 113 -14.42 -40.90 24.93
N ARG B 114 -15.10 -40.48 25.99
CA ARG B 114 -16.43 -39.87 25.88
C ARG B 114 -16.43 -38.45 25.36
N VAL B 115 -17.36 -38.18 24.43
CA VAL B 115 -17.49 -36.90 23.75
C VAL B 115 -18.54 -36.04 24.44
N ASN B 116 -18.21 -34.77 24.66
CA ASN B 116 -19.09 -33.88 25.38
C ASN B 116 -19.92 -33.07 24.36
N GLN B 117 -21.21 -33.42 24.26
CA GLN B 117 -22.12 -32.85 23.26
C GLN B 117 -22.14 -31.32 23.33
N LYS B 118 -22.15 -30.78 24.55
CA LYS B 118 -22.22 -29.34 24.73
C LYS B 118 -20.98 -28.60 24.24
N GLY B 119 -19.83 -29.27 24.26
CA GLY B 119 -18.60 -28.69 23.73
C GLY B 119 -18.66 -28.63 22.22
N LEU B 120 -19.18 -29.69 21.61
CA LEU B 120 -19.47 -29.67 20.18
C LEU B 120 -20.48 -28.55 19.79
N ASP B 121 -21.56 -28.46 20.56
CA ASP B 121 -22.58 -27.40 20.37
C ASP B 121 -21.92 -26.04 20.28
N PHE B 122 -21.08 -25.71 21.26
CA PHE B 122 -20.49 -24.38 21.33
C PHE B 122 -19.70 -24.02 20.09
N TYR B 123 -18.94 -24.98 19.56
CA TYR B 123 -18.13 -24.67 18.38
C TYR B 123 -18.96 -24.74 17.09
N ASN B 124 -19.95 -25.61 17.06
CA ASN B 124 -20.87 -25.66 15.90
C ASN B 124 -21.60 -24.35 15.66
N ARG B 125 -22.14 -23.75 16.71
CA ARG B 125 -22.71 -22.41 16.58
C ARG B 125 -21.71 -21.39 16.00
N ILE B 126 -20.46 -21.39 16.48
CA ILE B 126 -19.49 -20.44 15.96
C ILE B 126 -19.20 -20.70 14.48
N ILE B 127 -19.06 -21.97 14.13
CA ILE B 127 -18.82 -22.32 12.74
C ILE B 127 -19.99 -21.85 11.86
N ASP B 128 -21.22 -22.19 12.29
CA ASP B 128 -22.41 -21.87 11.49
C ASP B 128 -22.54 -20.38 11.25
N THR B 129 -22.34 -19.60 12.32
CA THR B 129 -22.37 -18.15 12.31
C THR B 129 -21.33 -17.52 11.38
N LEU B 130 -20.12 -18.09 11.35
CA LEU B 130 -19.07 -17.58 10.46
C LEU B 130 -19.41 -17.77 8.98
N LEU B 131 -19.96 -18.94 8.65
CA LEU B 131 -20.30 -19.26 7.28
C LEU B 131 -21.47 -18.36 6.78
N GLU B 132 -22.47 -18.16 7.64
CA GLU B 132 -23.58 -17.23 7.44
C GLU B 132 -23.10 -15.85 7.03
N LYS B 133 -22.08 -15.36 7.72
CA LYS B 133 -21.57 -14.03 7.41
C LYS B 133 -20.44 -14.04 6.39
N GLY B 134 -20.21 -15.18 5.74
CA GLY B 134 -19.14 -15.32 4.75
C GLY B 134 -17.72 -15.16 5.28
N ILE B 135 -17.49 -15.51 6.56
CA ILE B 135 -16.12 -15.53 7.11
C ILE B 135 -15.59 -16.96 7.06
N THR B 136 -14.39 -17.14 6.50
CA THR B 136 -13.76 -18.46 6.37
C THR B 136 -13.08 -18.89 7.70
N PRO B 137 -13.55 -19.99 8.30
CA PRO B 137 -12.90 -20.60 9.49
C PRO B 137 -11.51 -21.25 9.26
N PHE B 138 -10.49 -20.81 10.00
CA PHE B 138 -9.23 -21.57 10.13
C PHE B 138 -9.15 -22.11 11.57
N VAL B 139 -9.25 -23.42 11.70
CA VAL B 139 -9.35 -24.06 13.01
C VAL B 139 -7.99 -24.62 13.43
N THR B 140 -7.45 -24.08 14.52
CA THR B 140 -6.29 -24.65 15.19
C THR B 140 -6.77 -25.79 16.10
N ILE B 141 -6.34 -27.00 15.81
CA ILE B 141 -6.73 -28.15 16.64
C ILE B 141 -6.13 -28.03 18.06
N TYR B 142 -4.84 -27.72 18.13
CA TYR B 142 -4.16 -27.65 19.43
C TYR B 142 -3.46 -26.33 19.62
N HIS B 143 -3.96 -25.52 20.53
CA HIS B 143 -3.32 -24.26 20.89
C HIS B 143 -3.09 -24.22 22.40
N TRP B 144 -2.61 -25.36 22.93
CA TRP B 144 -1.82 -25.39 24.18
C TRP B 144 -2.61 -25.83 25.38
N ASP B 145 -3.93 -25.99 25.23
CA ASP B 145 -4.76 -26.34 26.39
C ASP B 145 -5.03 -27.83 26.46
N LEU B 146 -3.97 -28.60 26.68
CA LEU B 146 -4.04 -30.06 26.83
C LEU B 146 -4.97 -30.40 27.97
N PRO B 147 -5.81 -31.42 27.81
CA PRO B 147 -6.61 -31.93 28.94
C PRO B 147 -5.67 -32.37 30.08
N PHE B 148 -5.97 -31.91 31.29
CA PHE B 148 -5.24 -32.29 32.47
C PHE B 148 -5.18 -33.81 32.64
N ALA B 149 -6.24 -34.52 32.27
CA ALA B 149 -6.25 -35.99 32.37
C ALA B 149 -5.10 -36.64 31.60
N LEU B 150 -4.73 -36.05 30.47
CA LEU B 150 -3.65 -36.60 29.66
C LEU B 150 -2.28 -36.21 30.21
N GLN B 151 -2.20 -35.07 30.89
CA GLN B 151 -0.96 -34.67 31.56
C GLN B 151 -0.60 -35.65 32.71
N LEU B 152 -1.62 -36.16 33.39
CA LEU B 152 -1.41 -37.15 34.44
C LEU B 152 -0.77 -38.41 33.86
N LYS B 153 -0.97 -38.64 32.56
CA LYS B 153 -0.31 -39.74 31.83
C LYS B 153 0.96 -39.30 31.09
N GLY B 154 1.46 -38.11 31.42
CA GLY B 154 2.71 -37.62 30.86
C GLY B 154 2.58 -36.64 29.68
N GLY B 155 1.36 -36.44 29.17
CA GLY B 155 1.14 -35.50 28.09
C GLY B 155 2.07 -35.69 26.91
N TRP B 156 2.71 -34.62 26.45
CA TRP B 156 3.59 -34.68 25.26
C TRP B 156 4.81 -35.56 25.41
N ALA B 157 5.13 -35.94 26.65
CA ALA B 157 6.26 -36.84 26.90
C ALA B 157 5.94 -38.28 26.56
N ASN B 158 4.65 -38.59 26.46
CA ASN B 158 4.21 -39.99 26.30
C ASN B 158 3.99 -40.28 24.82
N ARG B 159 4.66 -41.30 24.29
CA ARG B 159 4.54 -41.72 22.89
C ARG B 159 3.09 -41.93 22.50
N GLU B 160 2.28 -42.40 23.46
CA GLU B 160 0.84 -42.62 23.25
C GLU B 160 0.03 -41.40 22.84
N ILE B 161 0.52 -40.19 23.10
CA ILE B 161 -0.21 -38.98 22.69
C ILE B 161 -0.43 -38.96 21.18
N ALA B 162 0.35 -39.72 20.42
CA ALA B 162 0.13 -39.72 18.97
C ALA B 162 -1.24 -40.38 18.67
N ASP B 163 -1.61 -41.37 19.49
CA ASP B 163 -2.96 -41.94 19.44
C ASP B 163 -4.00 -41.06 20.00
N TRP B 164 -3.76 -40.50 21.18
CA TRP B 164 -4.76 -39.65 21.77
C TRP B 164 -5.09 -38.48 20.81
N PHE B 165 -4.07 -37.91 20.17
CA PHE B 165 -4.23 -36.74 19.31
C PHE B 165 -5.00 -37.08 18.05
N ALA B 166 -4.72 -38.25 17.48
CA ALA B 166 -5.40 -38.80 16.31
C ALA B 166 -6.89 -39.05 16.58
N GLU B 167 -7.21 -39.58 17.76
CA GLU B 167 -8.60 -39.79 18.15
C GLU B 167 -9.31 -38.43 18.31
N TYR B 168 -8.61 -37.47 18.91
CA TYR B 168 -9.18 -36.14 19.11
C TYR B 168 -9.43 -35.47 17.75
N SER B 169 -8.41 -35.52 16.89
CA SER B 169 -8.52 -34.96 15.55
C SER B 169 -9.67 -35.53 14.73
N ARG B 170 -9.80 -36.86 14.77
CA ARG B 170 -10.91 -37.56 14.13
C ARG B 170 -12.28 -37.02 14.59
N VAL B 171 -12.46 -36.85 15.89
CA VAL B 171 -13.72 -36.36 16.37
C VAL B 171 -14.03 -35.00 15.72
N LEU B 172 -13.04 -34.09 15.67
CA LEU B 172 -13.22 -32.76 15.08
C LEU B 172 -13.51 -32.85 13.56
N PHE B 173 -12.77 -33.71 12.86
CA PHE B 173 -12.93 -33.82 11.42
C PHE B 173 -14.34 -34.33 11.08
N GLU B 174 -14.79 -35.35 11.83
CA GLU B 174 -16.09 -35.97 11.58
C GLU B 174 -17.23 -35.04 11.89
N ASN B 175 -17.10 -34.24 12.93
CA ASN B 175 -18.16 -33.33 13.35
C ASN B 175 -18.15 -31.98 12.65
N PHE B 176 -16.97 -31.50 12.22
CA PHE B 176 -16.88 -30.14 11.71
C PHE B 176 -16.39 -30.07 10.26
N GLY B 177 -15.90 -31.18 9.73
CA GLY B 177 -15.14 -31.20 8.50
C GLY B 177 -15.96 -30.98 7.25
N ASP B 178 -17.27 -31.21 7.38
CA ASP B 178 -18.22 -30.90 6.32
C ASP B 178 -18.26 -29.39 6.05
N ARG B 179 -18.03 -28.57 7.09
CA ARG B 179 -18.06 -27.10 6.98
C ARG B 179 -16.69 -26.41 7.06
N VAL B 180 -15.78 -26.94 7.88
CA VAL B 180 -14.46 -26.34 8.01
C VAL B 180 -13.46 -27.07 7.12
N LYS B 181 -12.75 -26.34 6.27
CA LYS B 181 -11.91 -26.98 5.26
C LYS B 181 -10.45 -26.53 5.36
N ASN B 182 -10.16 -25.64 6.32
CA ASN B 182 -8.79 -25.19 6.56
C ASN B 182 -8.43 -25.48 8.03
N TRP B 183 -7.43 -26.33 8.21
CA TRP B 183 -7.12 -26.91 9.51
C TRP B 183 -5.65 -26.75 9.84
N ILE B 184 -5.37 -26.57 11.13
CA ILE B 184 -4.00 -26.50 11.63
C ILE B 184 -3.86 -27.52 12.77
N THR B 185 -2.90 -28.42 12.64
CA THR B 185 -2.71 -29.43 13.69
C THR B 185 -2.21 -28.77 14.95
N LEU B 186 -1.01 -28.18 14.88
CA LEU B 186 -0.34 -27.67 16.07
C LEU B 186 -0.01 -26.19 15.94
N ASN B 187 -0.22 -25.43 17.02
CA ASN B 187 0.34 -24.08 17.14
C ASN B 187 1.68 -24.08 17.86
N GLU B 188 2.73 -23.60 17.20
CA GLU B 188 4.05 -23.39 17.78
C GLU B 188 4.53 -24.58 18.67
N PRO B 189 4.70 -25.76 18.08
CA PRO B 189 5.24 -26.92 18.82
C PRO B 189 6.61 -26.66 19.46
N TRP B 190 7.44 -25.75 18.92
CA TRP B 190 8.69 -25.38 19.61
C TRP B 190 8.42 -24.86 21.04
N VAL B 191 7.43 -23.98 21.15
CA VAL B 191 7.03 -23.36 22.41
C VAL B 191 6.42 -24.43 23.32
N VAL B 192 5.48 -25.23 22.81
CA VAL B 192 4.90 -26.32 23.60
C VAL B 192 6.02 -27.19 24.25
N ALA B 193 6.98 -27.60 23.45
CA ALA B 193 8.03 -28.48 23.90
C ALA B 193 9.05 -27.76 24.79
N ILE B 194 9.69 -26.72 24.27
CA ILE B 194 10.81 -26.09 24.98
C ILE B 194 10.37 -25.13 26.10
N VAL B 195 9.36 -24.31 25.85
CA VAL B 195 8.90 -23.37 26.89
C VAL B 195 8.07 -24.11 27.95
N GLY B 196 7.36 -25.16 27.56
CA GLY B 196 6.54 -25.92 28.50
C GLY B 196 7.33 -26.98 29.30
N HIS B 197 8.39 -27.54 28.70
CA HIS B 197 9.08 -28.66 29.31
C HIS B 197 10.58 -28.50 29.58
N LEU B 198 11.21 -27.48 28.98
CA LEU B 198 12.59 -27.11 29.29
C LEU B 198 12.70 -25.85 30.19
N TYR B 199 12.04 -24.75 29.82
CA TYR B 199 12.15 -23.51 30.60
C TYR B 199 11.18 -23.44 31.76
N GLY B 200 10.08 -24.18 31.66
CA GLY B 200 9.12 -24.24 32.76
C GLY B 200 8.22 -23.01 32.89
N VAL B 201 8.19 -22.18 31.84
CA VAL B 201 7.45 -20.91 31.88
C VAL B 201 6.00 -21.09 31.44
N HIS B 202 5.73 -22.14 30.66
CA HIS B 202 4.35 -22.45 30.22
C HIS B 202 3.95 -23.81 30.75
N ALA B 203 2.64 -24.07 30.85
CA ALA B 203 2.19 -25.39 31.26
C ALA B 203 2.84 -26.48 30.37
N PRO B 204 3.21 -27.64 30.93
CA PRO B 204 2.98 -28.00 32.35
C PRO B 204 4.04 -27.56 33.33
N GLY B 205 4.99 -26.73 32.91
CA GLY B 205 5.87 -26.08 33.84
C GLY B 205 7.05 -26.92 34.32
N MET B 206 7.62 -27.69 33.40
CA MET B 206 8.69 -28.63 33.69
C MET B 206 10.04 -28.12 33.13
N ARG B 207 11.13 -28.60 33.72
CA ARG B 207 12.45 -28.21 33.28
C ARG B 207 13.30 -29.45 33.15
N ASP B 208 13.20 -30.11 32.00
CA ASP B 208 13.91 -31.35 31.78
C ASP B 208 14.18 -31.50 30.29
N ILE B 209 15.46 -31.43 29.90
CA ILE B 209 15.82 -31.32 28.47
C ILE B 209 15.57 -32.64 27.73
N TYR B 210 15.65 -33.75 28.42
CA TYR B 210 15.29 -35.02 27.81
C TYR B 210 13.77 -35.10 27.54
N VAL B 211 12.96 -34.66 28.48
CA VAL B 211 11.52 -34.69 28.26
C VAL B 211 11.18 -33.72 27.09
N ALA B 212 11.80 -32.53 27.09
CA ALA B 212 11.52 -31.50 26.12
C ALA B 212 11.80 -32.01 24.70
N PHE B 213 12.91 -32.71 24.49
CA PHE B 213 13.13 -33.27 23.13
C PHE B 213 12.22 -34.45 22.78
N ARG B 214 11.77 -35.19 23.79
CA ARG B 214 10.78 -36.20 23.50
C ARG B 214 9.43 -35.59 23.13
N ALA B 215 9.08 -34.47 23.78
CA ALA B 215 7.90 -33.68 23.39
C ALA B 215 8.00 -33.22 21.92
N VAL B 216 9.17 -32.71 21.54
CA VAL B 216 9.40 -32.25 20.16
C VAL B 216 9.06 -33.38 19.18
N HIS B 217 9.60 -34.56 19.47
CA HIS B 217 9.45 -35.75 18.66
C HIS B 217 8.01 -36.27 18.61
N ASN B 218 7.38 -36.39 19.76
CA ASN B 218 5.96 -36.81 19.79
C ASN B 218 5.00 -35.75 19.20
N LEU B 219 5.36 -34.48 19.26
CA LEU B 219 4.53 -33.45 18.59
C LEU B 219 4.51 -33.76 17.10
N LEU B 220 5.67 -34.09 16.53
CA LEU B 220 5.76 -34.39 15.10
C LEU B 220 4.97 -35.66 14.73
N ARG B 221 5.04 -36.68 15.58
CA ARG B 221 4.36 -37.94 15.33
C ARG B 221 2.86 -37.73 15.43
N ALA B 222 2.44 -36.94 16.43
CA ALA B 222 1.01 -36.66 16.61
C ALA B 222 0.47 -35.84 15.42
N HIS B 223 1.22 -34.83 14.99
CA HIS B 223 0.89 -34.08 13.78
C HIS B 223 0.66 -34.96 12.57
N ALA B 224 1.62 -35.84 12.30
CA ALA B 224 1.54 -36.72 11.16
C ALA B 224 0.37 -37.65 11.26
N ARG B 225 0.06 -38.11 12.47
CA ARG B 225 -1.07 -39.00 12.62
C ARG B 225 -2.36 -38.29 12.33
N ALA B 226 -2.47 -37.03 12.77
CA ALA B 226 -3.65 -36.21 12.50
C ALA B 226 -3.85 -35.94 11.01
N VAL B 227 -2.77 -35.67 10.28
CA VAL B 227 -2.83 -35.43 8.83
C VAL B 227 -3.30 -36.70 8.11
N LYS B 228 -2.71 -37.84 8.42
CA LYS B 228 -3.16 -39.14 7.93
C LYS B 228 -4.66 -39.38 8.16
N VAL B 229 -5.19 -39.06 9.34
CA VAL B 229 -6.63 -39.25 9.64
C VAL B 229 -7.45 -38.26 8.80
N PHE B 230 -6.85 -37.10 8.54
CA PHE B 230 -7.52 -36.04 7.83
C PHE B 230 -7.79 -36.48 6.37
N ARG B 231 -6.84 -37.19 5.75
CA ARG B 231 -7.02 -37.64 4.36
C ARG B 231 -8.18 -38.64 4.25
N GLU B 232 -8.44 -39.41 5.31
CA GLU B 232 -9.56 -40.37 5.32
C GLU B 232 -10.94 -39.76 5.66
N THR B 233 -11.00 -38.53 6.17
CA THR B 233 -12.24 -38.01 6.74
C THR B 233 -12.71 -36.66 6.14
N VAL B 234 -11.80 -35.92 5.52
CA VAL B 234 -12.18 -34.63 4.94
C VAL B 234 -11.72 -34.59 3.48
N ASP B 236 -12.12 -33.05 0.67
CA ASP B 236 -11.71 -31.84 -0.06
C ASP B 236 -11.20 -30.69 0.84
N GLY B 237 -10.37 -31.00 1.84
CA GLY B 237 -9.85 -29.98 2.73
C GLY B 237 -8.34 -29.72 2.65
N LYS B 238 -7.90 -28.67 3.36
CA LYS B 238 -6.48 -28.32 3.49
C LYS B 238 -6.02 -28.39 4.97
N ILE B 239 -4.86 -29.00 5.20
CA ILE B 239 -4.27 -29.06 6.55
C ILE B 239 -2.79 -28.66 6.55
N GLY B 240 -2.40 -27.94 7.59
CA GLY B 240 -1.02 -27.49 7.81
C GLY B 240 -0.63 -27.43 9.28
N ILE B 241 0.44 -26.71 9.58
CA ILE B 241 0.99 -26.63 10.89
C ILE B 241 1.67 -25.27 11.02
N VAL B 242 1.71 -24.71 12.24
CA VAL B 242 2.12 -23.34 12.51
C VAL B 242 3.37 -23.27 13.39
N PHE B 243 4.36 -22.47 12.97
CA PHE B 243 5.63 -22.35 13.66
C PHE B 243 5.92 -20.92 14.06
N ASN B 244 6.47 -20.75 15.26
CA ASN B 244 7.04 -19.47 15.68
C ASN B 244 8.36 -19.27 14.99
N ASN B 245 8.68 -18.02 14.66
CA ASN B 245 9.95 -17.72 14.02
C ASN B 245 10.50 -16.39 14.48
N GLY B 246 11.82 -16.35 14.69
CA GLY B 246 12.51 -15.12 14.95
C GLY B 246 13.51 -14.85 13.85
N TYR B 247 13.72 -13.57 13.56
CA TYR B 247 14.73 -13.17 12.60
C TYR B 247 16.04 -12.96 13.37
N PHE B 248 16.96 -13.90 13.23
CA PHE B 248 18.25 -13.86 13.91
C PHE B 248 19.40 -13.24 13.06
N GLU B 249 20.13 -12.30 13.67
CA GLU B 249 21.28 -11.64 13.03
C GLU B 249 22.52 -11.75 13.93
N PRO B 250 23.71 -11.86 13.32
CA PRO B 250 24.95 -12.01 14.11
C PRO B 250 25.44 -10.68 14.67
N ALA B 251 25.97 -10.70 15.88
CA ALA B 251 26.48 -9.50 16.52
C ALA B 251 27.75 -8.98 15.83
N SER B 252 28.56 -9.89 15.30
CA SER B 252 29.76 -9.52 14.58
C SER B 252 29.87 -10.35 13.31
N GLU B 253 30.78 -9.97 12.42
CA GLU B 253 31.03 -10.75 11.22
C GLU B 253 31.92 -11.99 11.45
N LYS B 254 32.31 -12.22 12.71
CA LYS B 254 33.10 -13.40 13.10
C LYS B 254 32.42 -14.70 12.67
N GLU B 255 33.24 -15.66 12.22
CA GLU B 255 32.73 -16.94 11.74
C GLU B 255 31.75 -17.58 12.72
N GLU B 256 32.08 -17.52 14.02
CA GLU B 256 31.34 -18.26 15.04
C GLU B 256 30.02 -17.61 15.42
N ASP B 257 29.88 -16.31 15.17
CA ASP B 257 28.65 -15.60 15.41
C ASP B 257 27.65 -15.93 14.32
N ILE B 258 28.17 -16.13 13.10
CA ILE B 258 27.35 -16.48 11.93
C ILE B 258 26.70 -17.84 12.15
N ARG B 259 27.44 -18.72 12.82
CA ARG B 259 27.05 -20.09 13.05
C ARG B 259 26.06 -20.18 14.22
N ALA B 260 26.21 -19.26 15.16
CA ALA B 260 25.30 -19.15 16.28
C ALA B 260 23.92 -18.83 15.73
N VAL B 261 23.90 -17.92 14.75
CA VAL B 261 22.68 -17.54 14.04
C VAL B 261 22.09 -18.76 13.32
N ARG B 262 22.96 -19.52 12.65
CA ARG B 262 22.54 -20.73 11.93
C ARG B 262 21.88 -21.72 12.92
N PHE B 263 22.43 -21.85 14.12
CA PHE B 263 21.89 -22.77 15.11
C PHE B 263 20.50 -22.31 15.57
N MET B 264 20.34 -21.00 15.75
CA MET B 264 19.09 -20.45 16.26
C MET B 264 17.99 -20.59 15.25
N HIS B 265 18.35 -20.42 13.97
CA HIS B 265 17.39 -20.61 12.91
C HIS B 265 16.94 -22.08 12.90
N GLN B 266 17.91 -22.98 12.92
CA GLN B 266 17.64 -24.41 12.84
C GLN B 266 16.82 -24.94 14.06
N PHE B 267 17.08 -24.39 15.25
CA PHE B 267 16.44 -24.81 16.51
C PHE B 267 15.10 -24.10 16.82
N ASN B 268 15.09 -22.77 16.76
CA ASN B 268 13.96 -21.95 17.15
C ASN B 268 12.93 -21.80 16.03
N ASN B 269 13.37 -21.93 14.78
CA ASN B 269 12.46 -21.62 13.65
C ASN B 269 11.92 -22.90 13.01
N TYR B 270 11.14 -22.75 11.93
CA TYR B 270 10.51 -23.87 11.22
C TYR B 270 11.38 -25.11 10.86
N PRO B 271 12.70 -25.00 10.65
CA PRO B 271 13.47 -26.18 10.22
C PRO B 271 13.48 -27.30 11.26
N LEU B 272 13.41 -26.99 12.56
CA LEU B 272 13.39 -28.06 13.57
C LEU B 272 12.29 -29.06 13.20
N PHE B 273 11.20 -28.57 12.61
CA PHE B 273 10.03 -29.42 12.30
C PHE B 273 9.89 -29.75 10.81
N LEU B 274 10.21 -28.77 9.95
CA LEU B 274 10.19 -29.00 8.49
C LEU B 274 11.38 -29.80 7.92
N ASN B 275 12.56 -29.75 8.54
CA ASN B 275 13.56 -30.75 8.10
C ASN B 275 13.03 -32.18 8.22
N PRO B 276 12.54 -32.56 9.42
CA PRO B 276 11.80 -33.84 9.53
C PRO B 276 10.66 -34.05 8.51
N ILE B 277 9.70 -33.14 8.43
CA ILE B 277 8.54 -33.35 7.55
C ILE B 277 8.95 -33.51 6.06
N TYR B 278 9.88 -32.68 5.57
CA TYR B 278 10.29 -32.68 4.15
C TYR B 278 11.52 -33.55 3.81
N ARG B 279 12.47 -33.71 4.74
CA ARG B 279 13.75 -34.39 4.48
C ARG B 279 13.99 -35.66 5.32
N GLY B 280 13.15 -35.87 6.34
CA GLY B 280 13.16 -37.11 7.08
C GLY B 280 14.25 -37.20 8.12
N ASP B 281 14.73 -36.05 8.61
CA ASP B 281 15.60 -35.98 9.78
C ASP B 281 15.60 -34.57 10.39
N TYR B 282 16.06 -34.45 11.64
CA TYR B 282 16.28 -33.16 12.29
C TYR B 282 17.41 -32.40 11.62
N PRO B 283 17.43 -31.07 11.71
CA PRO B 283 18.51 -30.28 11.10
C PRO B 283 19.87 -30.61 11.74
N GLU B 284 20.91 -30.45 10.93
CA GLU B 284 22.26 -30.85 11.26
C GLU B 284 22.78 -30.31 12.59
N LEU B 285 22.55 -29.03 12.86
CA LEU B 285 23.10 -28.41 14.06
C LEU B 285 22.23 -28.72 15.30
N VAL B 286 20.95 -29.02 15.06
CA VAL B 286 20.10 -29.52 16.13
C VAL B 286 20.60 -30.91 16.60
N LEU B 287 20.90 -31.78 15.63
CA LEU B 287 21.45 -33.09 15.95
C LEU B 287 22.79 -33.01 16.70
N GLU B 288 23.69 -32.11 16.26
CA GLU B 288 24.96 -31.96 16.97
C GLU B 288 24.69 -31.60 18.43
N PHE B 289 23.77 -30.68 18.65
CA PHE B 289 23.40 -30.24 20.02
C PHE B 289 22.62 -31.26 20.84
N ALA B 290 21.64 -31.91 20.22
CA ALA B 290 20.57 -32.56 20.98
C ALA B 290 20.38 -34.06 20.77
N ARG B 291 21.31 -34.69 20.04
CA ARG B 291 21.14 -36.09 19.70
C ARG B 291 21.04 -36.94 20.98
N GLU B 292 21.80 -36.57 22.01
CA GLU B 292 21.78 -37.33 23.25
C GLU B 292 20.41 -37.23 23.98
N TYR B 293 19.61 -36.21 23.66
CA TYR B 293 18.29 -36.01 24.29
C TYR B 293 17.12 -36.60 23.55
N LEU B 294 17.32 -36.97 22.30
CA LEU B 294 16.24 -37.53 21.51
C LEU B 294 16.13 -39.02 21.81
N PRO B 295 14.98 -39.63 21.60
CA PRO B 295 14.83 -41.07 21.83
C PRO B 295 15.78 -41.89 20.95
N GLU B 296 16.32 -42.99 21.48
CA GLU B 296 17.21 -43.86 20.70
C GLU B 296 16.33 -44.34 19.55
N ASN B 297 16.77 -44.64 18.38
CA ASN B 297 15.76 -45.03 17.35
C ASN B 297 14.68 -43.99 16.96
N TYR B 298 14.85 -42.71 17.28
CA TYR B 298 13.89 -41.68 16.80
C TYR B 298 13.72 -41.76 15.26
N LYS B 299 14.78 -42.13 14.55
CA LYS B 299 14.73 -42.15 13.10
C LYS B 299 13.76 -43.17 12.48
N ASP B 300 13.39 -44.23 13.21
CA ASP B 300 12.35 -45.16 12.75
C ASP B 300 11.00 -44.49 12.56
N ASP B 301 10.75 -43.36 13.26
CA ASP B 301 9.47 -42.66 13.10
C ASP B 301 9.43 -41.70 11.91
N MET B 302 10.58 -41.45 11.32
CA MET B 302 10.71 -40.36 10.35
C MET B 302 9.93 -40.57 9.05
N SER B 303 9.76 -41.83 8.62
CA SER B 303 9.00 -42.05 7.38
C SER B 303 7.53 -41.74 7.56
N GLU B 304 6.97 -41.97 8.75
CA GLU B 304 5.58 -41.55 9.00
C GLU B 304 5.48 -40.06 9.20
N ILE B 305 6.55 -39.45 9.71
CA ILE B 305 6.53 -38.03 10.00
C ILE B 305 6.45 -37.21 8.69
N GLN B 306 6.90 -37.81 7.59
CA GLN B 306 6.87 -37.15 6.27
C GLN B 306 5.54 -37.14 5.53
N GLU B 307 4.47 -37.54 6.20
CA GLU B 307 3.11 -37.30 5.74
C GLU B 307 2.95 -35.89 5.09
N LYS B 308 2.48 -35.87 3.85
CA LYS B 308 2.39 -34.65 3.02
C LYS B 308 1.47 -33.63 3.63
N ILE B 309 1.95 -32.38 3.75
CA ILE B 309 1.11 -31.26 4.21
C ILE B 309 0.75 -30.30 3.06
N ASP B 310 -0.30 -29.49 3.25
CA ASP B 310 -0.80 -28.60 2.20
C ASP B 310 -0.26 -27.17 2.36
N PHE B 311 0.05 -26.76 3.59
CA PHE B 311 0.62 -25.42 3.83
C PHE B 311 1.47 -25.37 5.08
N VAL B 312 2.31 -24.36 5.14
CA VAL B 312 3.06 -24.00 6.33
C VAL B 312 2.54 -22.63 6.79
N GLY B 313 2.16 -22.57 8.06
CA GLY B 313 1.80 -21.31 8.70
C GLY B 313 3.02 -20.80 9.43
N LEU B 314 3.39 -19.54 9.19
CA LEU B 314 4.46 -18.89 9.96
C LEU B 314 3.87 -17.77 10.78
N ASN B 315 4.21 -17.78 12.07
CA ASN B 315 4.01 -16.70 13.02
C ASN B 315 5.28 -15.87 13.12
N TYR B 316 5.14 -14.54 13.18
CA TYR B 316 6.32 -13.69 13.24
C TYR B 316 6.06 -12.45 14.06
N TYR B 317 7.03 -12.12 14.92
CA TYR B 317 6.91 -10.96 15.79
C TYR B 317 8.15 -10.10 15.86
N SER B 318 9.31 -10.70 15.87
CA SER B 318 10.46 -9.95 16.37
C SER B 318 11.79 -10.46 15.83
N GLY B 319 12.82 -9.62 15.99
CA GLY B 319 14.19 -9.95 15.60
C GLY B 319 15.15 -9.91 16.77
N HIS B 320 16.27 -10.63 16.67
CA HIS B 320 17.23 -10.71 17.75
C HIS B 320 18.63 -10.72 17.19
N LEU B 321 19.48 -9.92 17.82
CA LEU B 321 20.91 -9.96 17.59
C LEU B 321 21.51 -11.05 18.48
N VAL B 322 22.36 -11.89 17.89
CA VAL B 322 22.82 -13.12 18.55
C VAL B 322 24.33 -13.22 18.47
N LYS B 323 24.95 -13.84 19.45
CA LYS B 323 26.40 -14.03 19.46
C LYS B 323 26.76 -15.36 20.10
N PHE B 324 27.87 -15.95 19.64
CA PHE B 324 28.47 -17.12 20.25
C PHE B 324 28.93 -16.74 21.66
N ASP B 325 28.72 -17.64 22.62
CA ASP B 325 29.01 -17.38 24.03
C ASP B 325 29.28 -18.75 24.68
N PRO B 326 30.49 -18.95 25.17
CA PRO B 326 30.89 -20.29 25.62
C PRO B 326 30.25 -20.71 26.95
N ASP B 327 29.51 -19.80 27.58
CA ASP B 327 28.98 -20.01 28.92
C ASP B 327 27.45 -20.18 28.94
N ALA B 328 26.82 -20.03 27.77
CA ALA B 328 25.36 -20.15 27.64
C ALA B 328 25.01 -21.59 27.29
N ALA B 330 23.15 -22.90 25.29
CA ALA B 330 23.37 -23.61 24.04
C ALA B 330 24.54 -23.04 23.23
N LYS B 331 25.47 -22.40 23.94
CA LYS B 331 26.59 -21.65 23.34
C LYS B 331 26.12 -20.40 22.60
N VAL B 332 25.03 -19.81 23.04
CA VAL B 332 24.41 -18.68 22.34
C VAL B 332 23.73 -17.74 23.32
N SER B 333 23.94 -16.43 23.16
CA SER B 333 23.18 -15.44 23.92
C SER B 333 22.67 -14.31 23.03
N PHE B 334 21.63 -13.65 23.52
CA PHE B 334 21.05 -12.52 22.82
C PHE B 334 21.74 -11.26 23.32
N VAL B 335 21.93 -10.27 22.45
CA VAL B 335 22.44 -8.98 22.89
C VAL B 335 21.44 -7.89 22.53
N GLU B 336 21.05 -7.11 23.52
CA GLU B 336 20.05 -6.06 23.32
C GLU B 336 20.58 -5.01 22.34
N ARG B 337 19.66 -4.48 21.52
CA ARG B 337 19.96 -3.45 20.52
C ARG B 337 19.13 -2.23 20.86
N ASP B 338 19.62 -1.04 20.53
CA ASP B 338 18.77 0.15 20.62
C ASP B 338 17.91 0.21 19.37
N LEU B 339 16.78 -0.47 19.41
CA LEU B 339 15.78 -0.44 18.35
C LEU B 339 14.44 -0.17 19.03
N PRO B 340 13.44 0.31 18.30
CA PRO B 340 12.08 0.42 18.87
C PRO B 340 11.57 -0.96 19.36
N LYS B 341 10.89 -0.97 20.52
CA LYS B 341 10.44 -2.19 21.18
C LYS B 341 8.96 -2.09 21.49
N THR B 342 8.28 -3.22 21.54
CA THR B 342 6.88 -3.21 21.97
C THR B 342 6.85 -3.33 23.48
N ALA B 343 5.65 -3.36 24.05
CA ALA B 343 5.48 -3.51 25.50
C ALA B 343 6.03 -4.83 26.05
N MET B 344 6.32 -5.81 25.18
CA MET B 344 6.95 -7.08 25.61
C MET B 344 8.47 -6.89 25.67
N GLY B 345 8.94 -5.75 25.20
CA GLY B 345 10.37 -5.53 25.02
C GLY B 345 10.93 -6.20 23.75
N TRP B 346 10.04 -6.58 22.83
CA TRP B 346 10.45 -7.26 21.61
C TRP B 346 10.81 -6.24 20.54
N GLU B 347 12.02 -6.36 19.98
CA GLU B 347 12.49 -5.45 18.92
C GLU B 347 11.69 -5.56 17.61
N ILE B 348 11.30 -4.39 17.11
CA ILE B 348 10.52 -4.27 15.87
C ILE B 348 11.47 -4.30 14.67
N VAL B 349 11.44 -5.40 13.90
CA VAL B 349 12.33 -5.56 12.74
C VAL B 349 11.52 -6.10 11.58
N PRO B 350 10.75 -5.24 10.90
CA PRO B 350 9.82 -5.69 9.86
C PRO B 350 10.41 -6.53 8.73
N GLU B 351 11.68 -6.33 8.39
CA GLU B 351 12.32 -7.09 7.34
C GLU B 351 12.43 -8.60 7.69
N GLY B 352 12.40 -8.91 9.00
CA GLY B 352 12.36 -10.30 9.44
C GLY B 352 11.24 -11.13 8.84
N ILE B 353 10.07 -10.52 8.61
CA ILE B 353 8.96 -11.25 8.01
C ILE B 353 9.18 -11.57 6.51
N TYR B 354 9.98 -10.74 5.84
CA TYR B 354 10.39 -10.93 4.44
C TYR B 354 11.47 -11.99 4.41
N TRP B 355 12.44 -11.87 5.30
CA TRP B 355 13.54 -12.82 5.39
C TRP B 355 13.01 -14.25 5.60
N ILE B 356 12.09 -14.43 6.55
CA ILE B 356 11.58 -15.75 6.89
C ILE B 356 10.71 -16.34 5.76
N LEU B 357 10.00 -15.45 5.05
CA LEU B 357 9.17 -15.91 3.94
C LEU B 357 10.04 -16.37 2.75
N LYS B 358 11.11 -15.63 2.48
CA LYS B 358 12.05 -16.05 1.42
C LYS B 358 12.80 -17.33 1.79
N LYS B 359 13.32 -17.38 3.01
CA LYS B 359 14.07 -18.52 3.51
C LYS B 359 13.25 -19.82 3.50
N VAL B 360 11.97 -19.75 3.84
CA VAL B 360 11.15 -20.97 3.83
C VAL B 360 10.95 -21.54 2.41
N LYS B 361 10.77 -20.64 1.43
CA LYS B 361 10.68 -21.03 0.03
C LYS B 361 11.99 -21.65 -0.42
N GLU B 362 13.10 -21.00 -0.10
CA GLU B 362 14.40 -21.49 -0.51
C GLU B 362 14.85 -22.81 0.16
N GLU B 363 14.39 -23.09 1.38
CA GLU B 363 14.82 -24.30 2.07
C GLU B 363 13.91 -25.48 1.81
N TYR B 364 12.60 -25.24 1.76
CA TYR B 364 11.66 -26.35 1.72
C TYR B 364 10.59 -26.23 0.63
N ASN B 365 10.49 -25.06 0.00
CA ASN B 365 9.55 -24.84 -1.11
C ASN B 365 8.14 -25.41 -0.87
N PRO B 366 7.46 -25.05 0.22
CA PRO B 366 6.08 -25.51 0.44
C PRO B 366 5.12 -24.96 -0.63
N PRO B 367 4.03 -25.66 -0.95
CA PRO B 367 3.11 -25.20 -2.00
C PRO B 367 2.41 -23.88 -1.62
N GLU B 368 1.97 -23.78 -0.37
CA GLU B 368 1.32 -22.59 0.15
C GLU B 368 1.93 -22.20 1.48
N VAL B 369 1.98 -20.90 1.74
CA VAL B 369 2.40 -20.34 3.01
C VAL B 369 1.35 -19.34 3.47
N TYR B 370 1.09 -19.31 4.79
CA TYR B 370 0.27 -18.26 5.43
C TYR B 370 1.04 -17.60 6.57
N ILE B 371 0.87 -16.29 6.76
CA ILE B 371 1.33 -15.69 8.01
C ILE B 371 0.17 -15.88 8.96
N THR B 372 0.32 -16.79 9.92
CA THR B 372 -0.78 -17.17 10.82
C THR B 372 -0.93 -16.27 12.06
N GLU B 373 0.12 -15.51 12.35
CA GLU B 373 0.06 -14.47 13.37
C GLU B 373 1.10 -13.43 13.11
N ASN B 374 0.72 -12.18 13.33
CA ASN B 374 1.67 -11.06 13.33
C ASN B 374 0.96 -9.90 14.04
N GLY B 375 1.64 -9.26 14.99
CA GLY B 375 1.02 -8.28 15.86
C GLY B 375 1.97 -7.69 16.87
N ALA B 376 1.45 -6.82 17.73
CA ALA B 376 2.25 -6.18 18.77
C ALA B 376 1.44 -5.82 19.99
N ALA B 377 2.11 -5.76 21.15
CA ALA B 377 1.50 -5.28 22.39
C ALA B 377 2.04 -3.89 22.76
N PHE B 378 1.11 -2.97 22.97
CA PHE B 378 1.43 -1.61 23.42
C PHE B 378 0.52 -1.23 24.60
N ASP B 379 0.95 -0.25 25.39
CA ASP B 379 0.16 0.24 26.52
C ASP B 379 -1.08 1.03 26.09
N ASP B 380 -2.09 0.38 25.49
CA ASP B 380 -3.31 1.07 25.02
C ASP B 380 -4.17 1.67 26.13
N VAL B 381 -4.69 2.87 25.87
CA VAL B 381 -5.54 3.59 26.82
C VAL B 381 -6.74 4.15 26.07
N VAL B 382 -7.89 4.12 26.72
CA VAL B 382 -9.09 4.76 26.18
C VAL B 382 -8.99 6.26 26.50
N SER B 383 -8.91 7.11 25.46
CA SER B 383 -8.80 8.56 25.69
C SER B 383 -10.19 9.12 26.03
N GLU B 384 -10.24 10.38 26.44
CA GLU B 384 -11.49 11.02 26.87
C GLU B 384 -12.49 10.96 25.73
N ASP B 385 -11.99 11.08 24.49
CA ASP B 385 -12.86 10.98 23.30
C ASP B 385 -13.51 9.59 23.10
N GLY B 386 -13.07 8.61 23.90
CA GLY B 386 -13.66 7.26 23.88
C GLY B 386 -13.10 6.29 22.85
N ARG B 387 -11.97 6.67 22.25
CA ARG B 387 -11.30 5.88 21.22
C ARG B 387 -9.93 5.43 21.72
N VAL B 388 -9.33 4.48 21.01
CA VAL B 388 -8.02 3.98 21.40
C VAL B 388 -7.05 4.34 20.28
N HIS B 389 -6.25 5.39 20.48
CA HIS B 389 -5.39 5.90 19.40
C HIS B 389 -4.06 5.18 19.36
N ASP B 390 -4.10 3.96 18.84
CA ASP B 390 -2.94 3.07 18.81
C ASP B 390 -2.20 3.17 17.48
N GLN B 391 -1.67 4.37 17.24
CA GLN B 391 -0.91 4.65 16.03
C GLN B 391 0.33 3.77 15.94
N ASN B 392 0.94 3.44 17.09
CA ASN B 392 2.13 2.58 17.15
C ASN B 392 1.84 1.16 16.61
N ARG B 393 0.63 0.67 16.82
CA ARG B 393 0.23 -0.63 16.26
C ARG B 393 0.04 -0.57 14.75
N ILE B 394 -0.61 0.49 14.26
CA ILE B 394 -0.75 0.74 12.82
C ILE B 394 0.62 0.74 12.16
N ASP B 395 1.59 1.44 12.75
CA ASP B 395 2.92 1.51 12.16
C ASP B 395 3.47 0.08 12.04
N TYR B 396 3.50 -0.63 13.16
CA TYR B 396 3.99 -2.00 13.23
C TYR B 396 3.33 -2.83 12.13
N LEU B 397 2.02 -2.87 12.14
CA LEU B 397 1.33 -3.73 11.21
C LEU B 397 1.59 -3.36 9.75
N LYS B 398 1.65 -2.04 9.46
CA LYS B 398 1.82 -1.53 8.10
C LYS B 398 3.17 -1.94 7.53
N ALA B 399 4.21 -1.80 8.34
CA ALA B 399 5.56 -2.13 7.88
C ALA B 399 5.78 -3.63 7.68
N HIS B 400 4.98 -4.45 8.38
CA HIS B 400 5.12 -5.90 8.24
C HIS B 400 4.37 -6.39 7.02
N ILE B 401 3.14 -5.89 6.87
CA ILE B 401 2.29 -6.23 5.74
C ILE B 401 2.96 -5.82 4.42
N GLY B 402 3.73 -4.74 4.49
CA GLY B 402 4.50 -4.22 3.36
C GLY B 402 5.59 -5.19 2.97
N GLN B 403 6.32 -5.68 3.98
CA GLN B 403 7.43 -6.60 3.76
C GLN B 403 6.93 -7.95 3.24
N ALA B 404 5.73 -8.33 3.65
CA ALA B 404 5.09 -9.53 3.15
C ALA B 404 4.69 -9.39 1.68
N TRP B 405 4.13 -8.23 1.33
CA TRP B 405 3.88 -7.86 -0.06
C TRP B 405 5.12 -8.11 -0.91
N LYS B 406 6.26 -7.63 -0.43
CA LYS B 406 7.55 -7.76 -1.10
C LYS B 406 7.93 -9.21 -1.40
N ALA B 407 7.68 -10.10 -0.45
CA ALA B 407 7.97 -11.51 -0.64
C ALA B 407 7.07 -12.14 -1.70
N ILE B 408 5.80 -11.72 -1.75
CA ILE B 408 4.93 -12.18 -2.81
C ILE B 408 5.51 -11.78 -4.19
N GLN B 409 5.99 -10.54 -4.31
CA GLN B 409 6.53 -10.01 -5.57
C GLN B 409 7.70 -10.82 -6.03
N GLU B 410 8.40 -11.42 -5.08
CA GLU B 410 9.55 -12.25 -5.40
C GLU B 410 9.24 -13.74 -5.50
N GLY B 411 7.95 -14.09 -5.52
CA GLY B 411 7.54 -15.46 -5.81
C GLY B 411 7.14 -16.38 -4.67
N VAL B 412 7.10 -15.88 -3.43
CA VAL B 412 6.68 -16.69 -2.29
C VAL B 412 5.18 -16.88 -2.36
N PRO B 413 4.71 -18.14 -2.36
CA PRO B 413 3.28 -18.43 -2.49
C PRO B 413 2.51 -18.11 -1.21
N LEU B 414 2.58 -16.86 -0.76
CA LEU B 414 1.83 -16.41 0.42
C LEU B 414 0.36 -16.16 0.06
N LYS B 415 -0.53 -16.93 0.69
CA LYS B 415 -1.97 -16.89 0.42
C LYS B 415 -2.82 -16.14 1.45
N GLY B 416 -2.23 -15.73 2.56
CA GLY B 416 -3.02 -15.15 3.64
C GLY B 416 -2.20 -14.54 4.76
N TYR B 417 -2.86 -13.76 5.59
CA TYR B 417 -2.21 -13.00 6.63
C TYR B 417 -3.25 -12.79 7.73
N PHE B 418 -2.85 -13.10 8.97
CA PHE B 418 -3.78 -13.00 10.12
C PHE B 418 -3.11 -12.18 11.20
N VAL B 419 -3.83 -11.16 11.67
CA VAL B 419 -3.38 -10.31 12.75
C VAL B 419 -3.60 -11.09 14.05
N TRP B 420 -2.57 -11.10 14.91
CA TRP B 420 -2.79 -11.46 16.33
C TRP B 420 -2.92 -10.16 17.13
N SER B 421 -4.04 -9.86 17.76
CA SER B 421 -5.25 -10.70 17.80
C SER B 421 -6.54 -9.86 17.57
N LEU B 422 -7.66 -10.52 17.29
CA LEU B 422 -8.96 -9.82 17.32
C LEU B 422 -9.17 -9.04 18.62
N LEU B 423 -8.96 -9.70 19.77
CA LEU B 423 -9.21 -9.12 21.09
C LEU B 423 -7.98 -9.05 21.97
N ASP B 424 -7.87 -8.02 22.81
CA ASP B 424 -6.96 -8.11 23.98
C ASP B 424 -7.40 -9.37 24.70
N ASN B 425 -6.47 -10.06 25.33
CA ASN B 425 -6.78 -11.37 25.91
C ASN B 425 -5.75 -11.81 26.93
N PHE B 426 -5.91 -13.04 27.44
CA PHE B 426 -5.00 -13.62 28.45
C PHE B 426 -3.66 -13.96 27.74
N GLU B 427 -2.60 -13.22 28.03
CA GLU B 427 -1.29 -13.45 27.38
C GLU B 427 -0.39 -14.43 28.18
N TRP B 428 -0.94 -15.63 28.41
CA TRP B 428 -0.22 -16.75 29.03
C TRP B 428 0.44 -16.30 30.31
N ALA B 429 1.76 -16.45 30.45
CA ALA B 429 2.42 -16.15 31.72
C ALA B 429 2.45 -14.64 32.06
N GLU B 430 2.14 -13.81 31.08
CA GLU B 430 2.02 -12.36 31.29
C GLU B 430 0.62 -11.96 31.80
N GLY B 431 -0.34 -12.88 31.73
CA GLY B 431 -1.71 -12.58 32.11
C GLY B 431 -2.32 -11.51 31.25
N TYR B 432 -3.18 -10.68 31.83
CA TYR B 432 -3.92 -9.63 31.11
C TYR B 432 -3.16 -8.35 30.82
N SER B 433 -1.93 -8.28 31.33
CA SER B 433 -1.15 -7.06 31.31
C SER B 433 -0.59 -6.72 29.94
N LYS B 434 -0.79 -7.59 28.97
CA LYS B 434 -0.22 -7.40 27.63
C LYS B 434 -1.34 -7.46 26.60
N ARG B 435 -1.54 -6.35 25.90
CA ARG B 435 -2.74 -6.21 25.07
C ARG B 435 -2.32 -6.24 23.62
N PHE B 436 -2.82 -7.22 22.86
CA PHE B 436 -2.35 -7.46 21.49
C PHE B 436 -3.46 -7.17 20.49
N GLY B 437 -4.65 -6.89 20.99
CA GLY B 437 -5.85 -6.83 20.17
C GLY B 437 -5.88 -5.62 19.25
N ILE B 438 -6.66 -5.72 18.18
CA ILE B 438 -7.10 -4.56 17.38
C ILE B 438 -8.45 -4.06 17.94
N VAL B 439 -9.07 -4.89 18.79
CA VAL B 439 -10.22 -4.51 19.63
C VAL B 439 -9.78 -4.47 21.09
N TYR B 440 -9.99 -3.32 21.77
CA TYR B 440 -9.77 -3.19 23.21
C TYR B 440 -10.86 -3.91 24.02
N VAL B 441 -10.46 -4.49 25.15
CA VAL B 441 -11.43 -5.11 26.02
C VAL B 441 -11.27 -4.49 27.40
N ASP B 442 -12.40 -3.99 27.93
CA ASP B 442 -12.44 -3.42 29.26
C ASP B 442 -12.87 -4.59 30.13
N TYR B 443 -11.94 -5.10 30.93
CA TYR B 443 -12.19 -6.31 31.69
C TYR B 443 -13.20 -6.12 32.82
N SER B 444 -13.34 -4.88 33.31
CA SER B 444 -14.33 -4.55 34.33
C SER B 444 -15.78 -4.73 33.87
N THR B 445 -16.05 -4.50 32.58
CA THR B 445 -17.41 -4.53 32.03
C THR B 445 -17.59 -5.51 30.89
N GLN B 446 -16.47 -6.01 30.35
CA GLN B 446 -16.45 -6.78 29.11
C GLN B 446 -16.84 -5.97 27.87
N LYS B 447 -16.81 -4.64 27.97
CA LYS B 447 -17.07 -3.77 26.81
C LYS B 447 -15.94 -3.85 25.78
N ARG B 448 -16.31 -4.01 24.51
CA ARG B 448 -15.36 -3.97 23.41
C ARG B 448 -15.26 -2.55 22.83
N ILE B 449 -14.03 -2.07 22.57
CA ILE B 449 -13.83 -0.84 21.78
C ILE B 449 -12.86 -1.07 20.64
N VAL B 450 -13.36 -1.04 19.41
CA VAL B 450 -12.52 -1.13 18.20
C VAL B 450 -11.41 -0.08 18.25
N LYS B 451 -10.17 -0.47 18.02
CA LYS B 451 -9.06 0.48 18.09
C LYS B 451 -8.84 1.13 16.72
N ASP B 452 -8.01 2.17 16.70
CA ASP B 452 -7.64 2.78 15.42
C ASP B 452 -7.07 1.74 14.44
N SER B 453 -6.20 0.86 14.96
CA SER B 453 -5.52 -0.17 14.15
C SER B 453 -6.56 -1.05 13.51
N GLY B 454 -7.64 -1.29 14.26
CA GLY B 454 -8.74 -2.07 13.75
C GLY B 454 -9.52 -1.40 12.63
N TYR B 455 -9.71 -0.07 12.70
CA TYR B 455 -10.40 0.63 11.60
C TYR B 455 -9.47 0.65 10.41
N TRP B 456 -8.18 0.85 10.70
CA TRP B 456 -7.12 0.86 9.71
C TRP B 456 -6.95 -0.48 8.97
N TYR B 457 -7.10 -1.57 9.72
CA TYR B 457 -6.96 -2.91 9.15
C TYR B 457 -8.17 -3.17 8.29
N SER B 458 -9.33 -2.75 8.78
CA SER B 458 -10.60 -2.85 8.04
C SER B 458 -10.49 -2.26 6.63
N ASN B 459 -9.76 -1.14 6.55
CA ASN B 459 -9.48 -0.44 5.31
C ASN B 459 -8.56 -1.26 4.41
N VAL B 460 -7.44 -1.74 4.99
CA VAL B 460 -6.51 -2.62 4.29
C VAL B 460 -7.26 -3.77 3.60
N VAL B 461 -8.21 -4.37 4.31
CA VAL B 461 -8.94 -5.54 3.81
C VAL B 461 -9.83 -5.16 2.63
N LYS B 462 -10.62 -4.09 2.82
CA LYS B 462 -11.48 -3.52 1.78
C LYS B 462 -10.67 -3.28 0.50
N ASN B 463 -9.49 -2.66 0.65
CA ASN B 463 -8.61 -2.32 -0.49
C ASN B 463 -7.77 -3.48 -1.00
N ASN B 464 -7.86 -4.63 -0.33
CA ASN B 464 -6.93 -5.72 -0.54
C ASN B 464 -5.42 -5.32 -0.54
N GLY B 465 -5.06 -4.38 0.33
CA GLY B 465 -3.68 -3.97 0.40
C GLY B 465 -3.46 -2.60 1.00
N LEU B 466 -2.23 -2.11 0.89
CA LEU B 466 -1.83 -0.84 1.47
C LEU B 466 -1.89 0.27 0.42
N GLU B 467 -1.99 1.53 0.88
CA GLU B 467 -1.95 2.70 -0.01
C GLU B 467 -1.43 3.97 0.67
N ASP B 468 -0.18 3.92 1.11
CA ASP B 468 0.53 5.10 1.61
C ASP B 468 0.78 5.01 3.11
C1 NOJ C . 0.15 16.48 -13.72
C2 NOJ C . -1.25 17.06 -13.99
O2 NOJ C . -1.15 18.05 -14.98
C3 NOJ C . -1.99 17.58 -12.76
O3 NOJ C . -3.39 17.65 -13.15
C4 NOJ C . -1.68 16.65 -11.55
O4 NOJ C . -2.57 16.96 -10.50
C5 NOJ C . -0.18 16.81 -11.22
N5 NOJ C . 0.69 16.47 -12.37
C6 NOJ C . 0.32 15.93 -10.06
O6 NOJ C . 0.08 14.56 -10.34
C1 NOJ D . 2.17 -16.86 20.06
C2 NOJ D . 0.89 -17.58 20.51
O2 NOJ D . 0.41 -18.40 19.47
C3 NOJ D . -0.21 -16.62 20.95
O3 NOJ D . -1.19 -17.39 21.65
C4 NOJ D . 0.40 -15.43 21.73
O4 NOJ D . -0.69 -14.81 22.41
C5 NOJ D . 1.21 -14.59 20.71
N5 NOJ D . 2.09 -15.40 19.87
C6 NOJ D . 2.15 -13.57 21.36
O6 NOJ D . 2.85 -14.22 22.41
#